data_3R5H
#
_entry.id   3R5H
#
_cell.length_a   57.442
_cell.length_b   82.785
_cell.length_c   168.233
_cell.angle_alpha   90.000
_cell.angle_beta   90.000
_cell.angle_gamma   90.000
#
_symmetry.space_group_name_H-M   'P 21 21 21'
#
loop_
_entity.id
_entity.type
_entity.pdbx_description
1 polymer 'Phosphoribosylaminoimidazole carboxylase, ATPase subunit'
2 non-polymer "ADENOSINE-5'-DIPHOSPHATE"
3 non-polymer '5-AMINOIMIDAZOLE RIBONUCLEOTIDE'
4 non-polymer 'MAGNESIUM ION'
5 water water
#
_entity_poly.entity_id   1
_entity_poly.type   'polypeptide(L)'
_entity_poly.pdbx_seq_one_letter_code
;GSHMLDMTRIILPGKTIGIIGGGQLGRMMALAAKEMGYKIAVLDPTKNSPCAQVADIEIVASYDDLKAIQHLAEISDVVT
YEFENIDYRCLQWLEKHAYLPQGSQLLSKTQNRFTEKNAIEKAGLPVATYRLVQNQEQLTEAIAELSYPSVLKTTTGGYD
GKGQVVLRSEADVDEARKLANAAECILEKWVPFEKEVSVIVIRSVSGETKVFPVAENIHVNNILHESIVPARITEELSQK
AIAYAKVLADELELVGTLAVEMFATADGEIYINELAPRPHNSGHYTQDACETSQFGQHIRAICNLPLGETNLLKPVVMVN
ILGEHIEGVLRQVNRLTGCYLHLYGKEEAKAQRKMGHVNILNDNIEVALEKAKSLHIWDHQEQLLEGKR
;
_entity_poly.pdbx_strand_id   A,B
#
# COMPACT_ATOMS: atom_id res chain seq x y z
N MET A 7 21.82 17.16 2.90
CA MET A 7 22.37 17.61 1.57
C MET A 7 22.32 16.47 0.54
N THR A 8 23.34 15.63 0.57
CA THR A 8 23.40 14.43 -0.24
C THR A 8 23.16 13.23 0.68
N ARG A 9 22.82 13.52 1.95
CA ARG A 9 22.61 12.53 3.00
C ARG A 9 21.39 11.63 2.78
N ILE A 10 21.63 10.33 2.74
CA ILE A 10 20.60 9.36 2.45
C ILE A 10 20.38 8.44 3.63
N ILE A 11 19.11 8.13 3.88
CA ILE A 11 18.76 7.17 4.92
C ILE A 11 18.31 5.90 4.22
N LEU A 12 19.17 4.89 4.24
CA LEU A 12 18.91 3.67 3.49
C LEU A 12 17.87 2.76 4.13
N PRO A 13 17.13 1.99 3.30
CA PRO A 13 16.28 0.93 3.83
C PRO A 13 17.01 0.10 4.88
N GLY A 14 16.32 -0.30 5.94
CA GLY A 14 16.97 -1.04 7.02
C GLY A 14 17.21 -0.15 8.23
N LYS A 15 17.36 1.16 7.98
CA LYS A 15 17.43 2.14 9.07
C LYS A 15 16.09 2.31 9.79
N THR A 16 16.12 2.99 10.93
CA THR A 16 14.93 3.24 11.73
C THR A 16 14.39 4.63 11.48
N ILE A 17 13.10 4.72 11.14
CA ILE A 17 12.44 6.01 11.08
C ILE A 17 11.67 6.26 12.40
N GLY A 18 11.98 7.34 13.07
CA GLY A 18 11.30 7.73 14.31
C GLY A 18 10.17 8.70 14.00
N ILE A 19 8.97 8.40 14.50
CA ILE A 19 7.81 9.25 14.28
C ILE A 19 7.30 9.83 15.60
N ILE A 20 7.13 11.15 15.64
CA ILE A 20 6.53 11.83 16.78
C ILE A 20 5.04 11.97 16.56
N GLY A 21 4.26 11.19 17.31
CA GLY A 21 2.83 11.10 17.14
C GLY A 21 2.44 9.78 16.52
N GLY A 22 1.52 9.07 17.16
CA GLY A 22 1.14 7.73 16.70
C GLY A 22 -0.31 7.59 16.23
N GLY A 23 -0.89 8.68 15.72
CA GLY A 23 -2.21 8.62 15.09
C GLY A 23 -2.14 7.94 13.72
N GLN A 24 -3.19 8.11 12.94
CA GLN A 24 -3.34 7.45 11.64
C GLN A 24 -2.34 7.93 10.60
N LEU A 25 -1.97 9.20 10.65
CA LEU A 25 -0.92 9.71 9.73
C LEU A 25 0.40 8.99 9.95
N GLY A 26 0.84 8.89 11.20
CA GLY A 26 2.02 8.10 11.57
C GLY A 26 1.88 6.62 11.18
N ARG A 27 0.70 6.06 11.36
CA ARG A 27 0.47 4.67 10.99
C ARG A 27 0.66 4.44 9.47
N MET A 28 0.06 5.29 8.66
CA MET A 28 0.19 5.15 7.22
C MET A 28 1.59 5.46 6.68
N MET A 29 2.29 6.41 7.29
CA MET A 29 3.73 6.63 7.05
C MET A 29 4.49 5.34 7.30
N ALA A 30 4.26 4.76 8.48
CA ALA A 30 4.94 3.53 8.90
C ALA A 30 4.70 2.37 7.93
N LEU A 31 3.45 2.18 7.50
CA LEU A 31 3.12 1.08 6.60
C LEU A 31 3.82 1.26 5.25
N ALA A 32 3.93 2.51 4.82
CA ALA A 32 4.68 2.86 3.60
C ALA A 32 6.17 2.54 3.78
N ALA A 33 6.74 2.95 4.91
CA ALA A 33 8.15 2.73 5.16
C ALA A 33 8.50 1.25 5.25
N LYS A 34 7.61 0.47 5.85
CA LYS A 34 7.77 -0.99 5.99
C LYS A 34 7.88 -1.77 4.67
N GLU A 35 7.13 -1.37 3.64
CA GLU A 35 7.27 -2.02 2.31
C GLU A 35 8.69 -1.87 1.79
N MET A 36 9.34 -0.76 2.14
CA MET A 36 10.73 -0.55 1.73
C MET A 36 11.78 -1.10 2.71
N GLY A 37 11.33 -1.77 3.76
CA GLY A 37 12.26 -2.39 4.70
C GLY A 37 12.80 -1.48 5.79
N TYR A 38 12.14 -0.35 6.03
CA TYR A 38 12.53 0.48 7.17
C TYR A 38 11.98 -0.05 8.46
N LYS A 39 12.68 0.25 9.55
CA LYS A 39 12.19 -0.02 10.89
C LYS A 39 11.51 1.24 11.41
N ILE A 40 10.54 1.07 12.30
CA ILE A 40 9.76 2.19 12.80
C ILE A 40 9.81 2.30 14.33
N ALA A 41 10.12 3.50 14.82
CA ALA A 41 9.92 3.81 16.24
C ALA A 41 8.91 4.94 16.36
N VAL A 42 8.01 4.82 17.33
CA VAL A 42 6.98 5.83 17.54
C VAL A 42 6.89 6.32 18.98
N LEU A 43 6.63 7.60 19.12
CA LEU A 43 6.40 8.23 20.40
C LEU A 43 4.98 8.80 20.39
N ASP A 44 4.19 8.38 21.37
CA ASP A 44 2.78 8.79 21.49
C ASP A 44 2.38 8.74 22.96
N PRO A 45 1.49 9.64 23.42
CA PRO A 45 1.15 9.63 24.85
C PRO A 45 0.27 8.46 25.31
N THR A 46 -0.27 7.67 24.38
CA THR A 46 -1.16 6.56 24.75
C THR A 46 -0.65 5.25 24.14
N LYS A 47 -0.67 4.19 24.95
CA LYS A 47 -0.23 2.87 24.52
C LYS A 47 -1.14 2.35 23.41
N ASN A 48 -0.62 1.48 22.56
CA ASN A 48 -1.42 0.85 21.51
C ASN A 48 -2.04 1.82 20.51
N SER A 49 -1.37 2.94 20.26
CA SER A 49 -1.79 3.89 19.21
C SER A 49 -1.76 3.20 17.84
N PRO A 50 -2.53 3.76 16.85
CA PRO A 50 -2.55 3.18 15.49
C PRO A 50 -1.17 2.95 14.91
N CYS A 51 -0.26 3.89 15.15
CA CYS A 51 1.11 3.75 14.64
C CYS A 51 1.86 2.68 15.41
N ALA A 52 1.65 2.65 16.73
CA ALA A 52 2.34 1.68 17.58
C ALA A 52 2.01 0.25 17.17
N GLN A 53 0.81 0.04 16.63
CA GLN A 53 0.38 -1.28 16.16
C GLN A 53 1.16 -1.78 14.95
N VAL A 54 1.92 -0.89 14.31
CA VAL A 54 2.73 -1.25 13.15
C VAL A 54 4.22 -0.94 13.40
N ALA A 55 4.56 -0.41 14.57
CA ALA A 55 5.94 -0.03 14.86
C ALA A 55 6.72 -1.18 15.48
N ASP A 56 8.03 -1.13 15.30
CA ASP A 56 8.93 -2.07 15.98
C ASP A 56 9.15 -1.67 17.45
N ILE A 57 9.20 -0.35 17.69
CA ILE A 57 9.46 0.22 19.00
C ILE A 57 8.45 1.31 19.34
N GLU A 58 7.85 1.17 20.52
CA GLU A 58 6.89 2.11 21.04
C GLU A 58 7.43 2.78 22.31
N ILE A 59 7.38 4.11 22.35
CA ILE A 59 7.71 4.91 23.52
C ILE A 59 6.46 5.69 23.91
N VAL A 60 5.92 5.39 25.09
CA VAL A 60 4.71 6.06 25.56
C VAL A 60 5.08 7.24 26.45
N ALA A 61 4.84 8.45 25.97
CA ALA A 61 5.18 9.65 26.73
C ALA A 61 4.48 10.86 26.18
N SER A 62 4.52 11.93 26.95
CA SER A 62 3.96 13.21 26.56
C SER A 62 4.85 13.88 25.51
N TYR A 63 4.24 14.66 24.63
CA TYR A 63 4.98 15.29 23.54
C TYR A 63 6.01 16.30 24.04
N ASP A 64 5.74 16.93 25.18
CA ASP A 64 6.67 17.94 25.72
C ASP A 64 7.72 17.34 26.64
N ASP A 65 7.73 16.02 26.78
CA ASP A 65 8.75 15.32 27.60
C ASP A 65 10.05 15.18 26.81
N LEU A 66 11.01 16.07 27.07
CA LEU A 66 12.27 16.09 26.32
C LEU A 66 13.09 14.80 26.44
N LYS A 67 13.13 14.22 27.64
CA LYS A 67 13.78 12.93 27.85
C LYS A 67 13.27 11.82 26.91
N ALA A 68 11.95 11.75 26.73
CA ALA A 68 11.31 10.77 25.86
C ALA A 68 11.63 11.04 24.38
N ILE A 69 11.57 12.31 24.00
CA ILE A 69 12.00 12.81 22.69
C ILE A 69 13.45 12.44 22.39
N GLN A 70 14.33 12.66 23.37
CA GLN A 70 15.73 12.32 23.24
C GLN A 70 15.90 10.82 23.02
N HIS A 71 15.15 10.03 23.79
CA HIS A 71 15.17 8.59 23.64
C HIS A 71 14.73 8.13 22.23
N LEU A 72 13.67 8.74 21.70
CA LEU A 72 13.25 8.45 20.32
C LEU A 72 14.36 8.81 19.34
N ALA A 73 14.92 10.01 19.50
CA ALA A 73 15.96 10.47 18.62
C ALA A 73 17.18 9.54 18.65
N GLU A 74 17.58 9.14 19.85
CA GLU A 74 18.73 8.25 20.07
C GLU A 74 18.71 6.94 19.30
N ILE A 75 17.51 6.42 19.04
CA ILE A 75 17.38 5.12 18.40
C ILE A 75 16.89 5.23 16.95
N SER A 76 16.82 6.45 16.42
CA SER A 76 16.27 6.70 15.09
C SER A 76 17.33 7.28 14.19
N ASP A 77 17.35 6.83 12.94
CA ASP A 77 18.29 7.35 11.97
C ASP A 77 17.79 8.62 11.32
N VAL A 78 16.47 8.80 11.39
CA VAL A 78 15.84 10.02 10.94
C VAL A 78 14.54 10.17 11.73
N VAL A 79 14.20 11.42 12.03
CA VAL A 79 12.99 11.70 12.78
C VAL A 79 12.05 12.58 11.98
N THR A 80 10.76 12.25 12.06
CA THR A 80 9.71 13.07 11.49
C THR A 80 8.58 13.14 12.51
N TYR A 81 7.57 13.93 12.18
CA TYR A 81 6.46 14.14 13.10
C TYR A 81 5.17 14.04 12.31
N GLU A 82 4.10 13.60 12.97
CA GLU A 82 2.74 13.89 12.54
C GLU A 82 2.07 14.91 13.48
N PHE A 83 2.52 14.96 14.72
CA PHE A 83 2.02 15.94 15.68
C PHE A 83 2.75 17.26 15.41
N GLU A 84 1.97 18.31 15.19
CA GLU A 84 2.51 19.63 14.85
C GLU A 84 2.93 20.47 16.05
N ASN A 85 2.22 20.35 17.15
CA ASN A 85 2.38 21.28 18.28
C ASN A 85 3.62 21.05 19.18
N ILE A 86 4.73 20.61 18.58
CA ILE A 86 5.99 20.36 19.33
C ILE A 86 6.64 21.69 19.72
N ASP A 87 7.06 21.83 20.97
CA ASP A 87 7.50 23.13 21.41
C ASP A 87 8.91 23.43 20.91
N TYR A 88 9.32 24.68 21.04
CA TYR A 88 10.61 25.12 20.54
C TYR A 88 11.83 24.42 21.16
N ARG A 89 11.78 24.06 22.46
CA ARG A 89 12.96 23.44 23.07
C ARG A 89 13.19 22.03 22.55
N CYS A 90 12.10 21.28 22.32
CA CYS A 90 12.21 19.94 21.72
C CYS A 90 12.60 20.00 20.25
N LEU A 91 12.04 20.96 19.50
CA LEU A 91 12.34 21.11 18.07
C LEU A 91 13.80 21.44 17.86
N GLN A 92 14.33 22.37 18.66
CA GLN A 92 15.73 22.74 18.56
C GLN A 92 16.66 21.60 18.97
N TRP A 93 16.31 20.89 20.03
CA TRP A 93 17.14 19.77 20.42
C TRP A 93 17.26 18.78 19.24
N LEU A 94 16.11 18.39 18.69
CA LEU A 94 16.05 17.46 17.57
C LEU A 94 16.85 17.95 16.37
N GLU A 95 16.63 19.20 15.99
CA GLU A 95 17.35 19.78 14.85
C GLU A 95 18.87 19.66 14.98
N LYS A 96 19.37 19.88 16.18
CA LYS A 96 20.79 19.97 16.36
C LYS A 96 21.44 18.66 16.84
N HIS A 97 20.66 17.79 17.49
CA HIS A 97 21.21 16.58 18.07
C HIS A 97 20.68 15.28 17.44
N ALA A 98 19.63 15.37 16.64
CA ALA A 98 19.17 14.19 15.89
C ALA A 98 19.11 14.58 14.41
N TYR A 99 18.55 13.72 13.57
CA TYR A 99 18.42 14.06 12.16
C TYR A 99 16.95 14.34 11.87
N LEU A 100 16.63 15.64 11.77
CA LEU A 100 15.28 16.14 11.49
C LEU A 100 15.31 16.99 10.19
N PRO A 101 15.34 16.34 9.01
CA PRO A 101 15.49 17.07 7.72
C PRO A 101 14.40 18.09 7.40
N GLN A 102 13.19 17.90 7.93
CA GLN A 102 12.12 18.89 7.77
C GLN A 102 12.44 20.22 8.44
N GLY A 103 13.32 20.18 9.45
CA GLY A 103 13.66 21.38 10.22
C GLY A 103 12.48 21.88 11.02
N SER A 104 12.58 23.11 11.51
CA SER A 104 11.52 23.61 12.39
C SER A 104 10.99 24.94 11.87
N GLN A 105 11.60 25.47 10.83
CA GLN A 105 11.26 26.79 10.32
C GLN A 105 9.84 26.82 9.75
N LEU A 106 9.52 25.90 8.87
CA LEU A 106 8.19 25.80 8.29
C LEU A 106 7.14 25.54 9.37
N LEU A 107 7.46 24.64 10.29
CA LEU A 107 6.54 24.30 11.34
C LEU A 107 6.26 25.53 12.22
N SER A 108 7.26 26.37 12.43
CA SER A 108 7.10 27.59 13.23
C SER A 108 6.28 28.67 12.51
N LYS A 109 6.27 28.60 11.19
CA LYS A 109 5.46 29.54 10.44
C LYS A 109 3.98 29.15 10.37
N THR A 110 3.66 27.87 10.57
CA THR A 110 2.30 27.39 10.33
C THR A 110 1.43 27.22 11.59
N GLN A 111 2.01 27.43 12.76
CA GLN A 111 1.26 27.24 14.01
C GLN A 111 0.38 28.44 14.36
N ASN A 112 0.62 29.58 13.75
CA ASN A 112 -0.14 30.79 14.02
C ASN A 112 -0.70 31.33 12.72
N ARG A 113 -2.01 31.54 12.69
CA ARG A 113 -2.72 31.90 11.48
C ARG A 113 -2.21 33.21 10.88
N PHE A 114 -1.95 34.18 11.76
CA PHE A 114 -1.42 35.48 11.35
C PHE A 114 -0.03 35.33 10.74
N THR A 115 0.85 34.62 11.45
CA THR A 115 2.21 34.38 10.98
C THR A 115 2.19 33.67 9.62
N GLU A 116 1.31 32.68 9.48
CA GLU A 116 1.17 31.87 8.28
C GLU A 116 0.79 32.76 7.10
N LYS A 117 -0.24 33.58 7.30
CA LYS A 117 -0.71 34.50 6.29
C LYS A 117 0.35 35.51 5.85
N ASN A 118 1.13 36.01 6.82
CA ASN A 118 2.27 36.88 6.54
C ASN A 118 3.30 36.20 5.66
N ALA A 119 3.63 34.95 6.02
CA ALA A 119 4.60 34.18 5.25
C ALA A 119 4.10 33.87 3.82
N ILE A 120 2.80 33.59 3.68
CA ILE A 120 2.20 33.29 2.37
C ILE A 120 2.30 34.51 1.45
N GLU A 121 1.96 35.67 2.00
CA GLU A 121 2.05 36.93 1.27
C GLU A 121 3.50 37.29 0.94
N LYS A 122 4.40 37.06 1.90
CA LYS A 122 5.82 37.29 1.68
C LYS A 122 6.35 36.42 0.53
N ALA A 123 5.81 35.20 0.42
CA ALA A 123 6.11 34.29 -0.69
C ALA A 123 5.52 34.72 -2.04
N GLY A 124 4.71 35.79 -2.03
CA GLY A 124 4.10 36.33 -3.26
C GLY A 124 2.72 35.80 -3.64
N LEU A 125 2.01 35.18 -2.69
CA LEU A 125 0.71 34.55 -2.95
C LEU A 125 -0.50 35.26 -2.30
N PRO A 126 -1.70 35.14 -2.91
CA PRO A 126 -2.87 35.86 -2.40
C PRO A 126 -3.59 35.13 -1.28
N VAL A 127 -4.10 35.91 -0.32
CA VAL A 127 -4.95 35.41 0.76
C VAL A 127 -6.08 36.41 0.98
N ALA A 128 -7.12 35.99 1.67
CA ALA A 128 -8.18 36.90 2.09
C ALA A 128 -7.56 38.02 2.92
N THR A 129 -8.07 39.24 2.73
CA THR A 129 -7.60 40.40 3.51
C THR A 129 -7.86 40.09 4.98
N TYR A 130 -6.87 40.36 5.84
CA TYR A 130 -6.87 39.90 7.23
C TYR A 130 -6.24 40.96 8.15
N ARG A 131 -6.62 40.96 9.43
CA ARG A 131 -6.10 41.89 10.44
C ARG A 131 -5.90 41.15 11.77
N LEU A 132 -4.80 41.44 12.44
CA LEU A 132 -4.53 40.82 13.72
C LEU A 132 -5.48 41.43 14.77
N VAL A 133 -6.03 40.57 15.63
CA VAL A 133 -6.93 41.02 16.70
C VAL A 133 -6.44 40.54 18.08
N GLN A 134 -5.82 41.47 18.82
CA GLN A 134 -5.27 41.15 20.14
C GLN A 134 -6.07 41.77 21.30
N ASN A 135 -6.99 42.67 20.98
CA ASN A 135 -7.91 43.27 21.95
C ASN A 135 -9.20 43.77 21.29
N GLN A 136 -10.14 44.24 22.11
CA GLN A 136 -11.42 44.73 21.63
C GLN A 136 -11.28 45.90 20.66
N GLU A 137 -10.31 46.75 20.91
CA GLU A 137 -10.04 47.91 20.06
C GLU A 137 -9.58 47.54 18.64
N GLN A 138 -8.70 46.54 18.52
CA GLN A 138 -8.29 46.07 17.21
C GLN A 138 -9.44 45.35 16.48
N LEU A 139 -10.32 44.72 17.23
CA LEU A 139 -11.52 44.10 16.65
C LEU A 139 -12.40 45.17 16.00
N THR A 140 -12.68 46.24 16.75
CA THR A 140 -13.48 47.37 16.26
C THR A 140 -12.93 47.98 14.97
N GLU A 141 -11.62 48.21 14.95
CA GLU A 141 -10.93 48.76 13.79
C GLU A 141 -11.03 47.77 12.61
N ALA A 142 -10.81 46.50 12.89
CA ALA A 142 -10.83 45.47 11.85
C ALA A 142 -12.21 45.38 11.21
N ILE A 143 -13.25 45.37 12.04
CA ILE A 143 -14.62 45.39 11.55
C ILE A 143 -14.89 46.64 10.70
N ALA A 144 -14.33 47.77 11.11
CA ALA A 144 -14.47 49.00 10.32
C ALA A 144 -13.85 48.82 8.93
N GLU A 145 -12.59 48.39 8.91
CA GLU A 145 -11.80 48.31 7.67
C GLU A 145 -12.22 47.22 6.68
N LEU A 146 -12.70 46.09 7.21
CA LEU A 146 -13.04 44.93 6.38
C LEU A 146 -14.53 44.87 6.05
N SER A 147 -15.33 45.53 6.88
CA SER A 147 -16.78 45.60 6.72
C SER A 147 -17.37 44.19 6.83
N TYR A 148 -18.63 44.04 6.41
CA TYR A 148 -19.29 42.75 6.45
C TYR A 148 -19.50 42.22 5.02
N PRO A 149 -19.41 40.88 4.83
CA PRO A 149 -19.16 39.87 5.86
C PRO A 149 -17.67 39.56 6.08
N SER A 150 -17.35 39.02 7.26
CA SER A 150 -15.97 38.75 7.68
C SER A 150 -15.99 37.61 8.65
N VAL A 151 -14.81 37.04 8.91
CA VAL A 151 -14.67 35.88 9.80
C VAL A 151 -13.53 36.10 10.81
N LEU A 152 -13.86 35.95 12.08
CA LEU A 152 -12.91 36.04 13.17
C LEU A 152 -12.57 34.65 13.65
N LYS A 153 -11.29 34.31 13.61
CA LYS A 153 -10.82 33.00 14.03
C LYS A 153 -9.69 33.18 15.03
N THR A 154 -9.45 32.18 15.87
CA THR A 154 -8.29 32.19 16.75
C THR A 154 -7.03 31.92 15.93
N THR A 155 -5.90 32.49 16.36
CA THR A 155 -4.64 32.34 15.64
C THR A 155 -3.98 30.97 15.88
N THR A 156 -4.20 30.38 17.06
CA THR A 156 -3.58 29.10 17.43
C THR A 156 -4.60 28.08 17.94
N GLY A 157 -4.14 26.84 18.09
CA GLY A 157 -4.91 25.77 18.72
C GLY A 157 -6.21 25.45 18.02
N GLY A 158 -7.09 24.72 18.72
CA GLY A 158 -8.37 24.32 18.15
C GLY A 158 -8.15 23.21 17.15
N TYR A 159 -8.30 21.97 17.61
CA TYR A 159 -8.08 20.79 16.79
C TYR A 159 -9.27 20.48 15.88
N ASP A 160 -10.31 21.32 15.95
CA ASP A 160 -11.54 21.16 15.16
C ASP A 160 -11.94 22.41 14.35
N GLY A 161 -11.74 23.58 14.95
CA GLY A 161 -12.22 24.85 14.41
C GLY A 161 -13.27 25.46 15.31
N LYS A 162 -13.04 25.32 16.62
CA LYS A 162 -13.98 25.72 17.67
C LYS A 162 -14.10 27.24 17.80
N GLY A 163 -12.96 27.93 17.64
CA GLY A 163 -12.93 29.38 17.76
C GLY A 163 -13.10 30.04 16.42
N GLN A 164 -14.35 30.08 15.93
CA GLN A 164 -14.68 30.81 14.73
C GLN A 164 -16.05 31.47 14.81
N VAL A 165 -16.11 32.76 14.50
CA VAL A 165 -17.36 33.50 14.48
C VAL A 165 -17.50 34.19 13.13
N VAL A 166 -18.58 33.87 12.42
CA VAL A 166 -18.84 34.51 11.13
C VAL A 166 -19.67 35.75 11.38
N LEU A 167 -19.20 36.89 10.88
CA LEU A 167 -19.80 38.19 11.13
C LEU A 167 -20.56 38.70 9.91
N ARG A 168 -21.86 38.47 9.91
CA ARG A 168 -22.69 38.87 8.77
C ARG A 168 -23.27 40.27 8.94
N SER A 169 -23.57 40.63 10.20
CA SER A 169 -24.13 41.94 10.53
C SER A 169 -23.59 42.48 11.85
N GLU A 170 -23.82 43.78 12.09
CA GLU A 170 -23.55 44.41 13.38
C GLU A 170 -24.13 43.58 14.54
N ALA A 171 -25.17 42.80 14.24
CA ALA A 171 -25.78 41.89 15.22
C ALA A 171 -24.85 40.75 15.65
N ASP A 172 -23.73 40.59 14.94
CA ASP A 172 -22.78 39.52 15.23
C ASP A 172 -21.62 39.94 16.16
N VAL A 173 -21.37 41.25 16.23
CA VAL A 173 -20.26 41.83 16.97
C VAL A 173 -20.08 41.25 18.37
N ASP A 174 -21.19 41.12 19.11
CA ASP A 174 -21.15 40.64 20.49
C ASP A 174 -20.57 39.24 20.68
N GLU A 175 -20.84 38.32 19.75
CA GLU A 175 -20.25 36.98 19.86
C GLU A 175 -18.76 36.99 19.50
N ALA A 176 -18.41 37.81 18.52
CA ALA A 176 -17.01 38.05 18.14
C ALA A 176 -16.20 38.61 19.31
N ARG A 177 -16.77 39.57 20.04
CA ARG A 177 -16.09 40.15 21.20
C ARG A 177 -15.79 39.10 22.24
N LYS A 178 -16.73 38.19 22.44
CA LYS A 178 -16.55 37.05 23.36
C LYS A 178 -15.38 36.16 22.95
N LEU A 179 -15.23 35.94 21.65
CA LEU A 179 -14.11 35.17 21.10
C LEU A 179 -12.78 35.91 21.26
N ALA A 180 -12.79 37.20 20.92
CA ALA A 180 -11.60 38.04 21.06
C ALA A 180 -11.14 38.13 22.52
N ASN A 181 -12.06 37.92 23.45
CA ASN A 181 -11.76 37.96 24.88
C ASN A 181 -10.98 36.75 25.34
N ALA A 182 -11.30 35.59 24.76
CA ALA A 182 -10.67 34.36 25.18
C ALA A 182 -9.34 34.07 24.48
N ALA A 183 -9.06 34.74 23.36
CA ALA A 183 -7.94 34.33 22.49
C ALA A 183 -7.47 35.39 21.51
N GLU A 184 -6.17 35.40 21.25
CA GLU A 184 -5.63 36.14 20.12
C GLU A 184 -6.35 35.62 18.86
N CYS A 185 -6.72 36.55 17.98
CA CYS A 185 -7.53 36.24 16.82
C CYS A 185 -7.07 36.93 15.55
N ILE A 186 -7.63 36.47 14.43
CA ILE A 186 -7.43 37.07 13.13
C ILE A 186 -8.81 37.33 12.53
N LEU A 187 -9.03 38.54 12.01
CA LEU A 187 -10.25 38.82 11.26
C LEU A 187 -9.94 38.80 9.77
N GLU A 188 -10.65 37.95 9.04
CA GLU A 188 -10.49 37.78 7.58
C GLU A 188 -11.74 38.28 6.83
N LYS A 189 -11.55 38.97 5.70
CA LYS A 189 -12.65 39.16 4.75
C LYS A 189 -13.26 37.79 4.39
N TRP A 190 -14.59 37.74 4.32
CA TRP A 190 -15.30 36.58 3.80
C TRP A 190 -15.07 36.47 2.30
N VAL A 191 -14.61 35.29 1.85
CA VAL A 191 -14.37 35.07 0.44
C VAL A 191 -15.60 34.35 -0.14
N PRO A 192 -16.31 34.98 -1.09
CA PRO A 192 -17.26 34.21 -1.90
C PRO A 192 -16.46 33.32 -2.84
N PHE A 193 -16.66 32.01 -2.71
CA PHE A 193 -15.94 31.05 -3.53
C PHE A 193 -16.89 29.92 -3.89
N GLU A 194 -16.53 29.17 -4.92
CA GLU A 194 -17.33 28.05 -5.44
C GLU A 194 -16.87 26.75 -4.76
N LYS A 195 -15.55 26.53 -4.72
CA LYS A 195 -14.99 25.26 -4.23
C LYS A 195 -13.84 25.46 -3.27
N GLU A 196 -13.73 24.56 -2.30
CA GLU A 196 -12.52 24.39 -1.50
C GLU A 196 -11.72 23.26 -2.14
N VAL A 197 -10.44 23.54 -2.42
CA VAL A 197 -9.56 22.59 -3.05
C VAL A 197 -8.25 22.53 -2.26
N SER A 198 -7.50 21.44 -2.40
CA SER A 198 -6.15 21.37 -1.85
C SER A 198 -5.21 20.65 -2.79
N VAL A 199 -3.94 20.94 -2.60
CA VAL A 199 -2.86 20.34 -3.34
C VAL A 199 -1.81 19.91 -2.33
N ILE A 200 -1.35 18.66 -2.45
CA ILE A 200 -0.23 18.16 -1.68
C ILE A 200 1.05 18.32 -2.50
N VAL A 201 2.03 19.02 -1.96
CA VAL A 201 3.32 19.15 -2.64
C VAL A 201 4.39 18.48 -1.78
N ILE A 202 5.34 17.83 -2.46
CA ILE A 202 6.42 17.10 -1.82
C ILE A 202 7.77 17.65 -2.27
N ARG A 203 8.65 17.91 -1.31
CA ARG A 203 9.99 18.33 -1.66
C ARG A 203 11.00 17.55 -0.84
N SER A 204 11.98 16.99 -1.53
CA SER A 204 12.94 16.12 -0.88
C SER A 204 14.11 16.91 -0.34
N VAL A 205 14.93 16.24 0.47
CA VAL A 205 16.11 16.84 1.08
C VAL A 205 16.99 17.52 0.01
N SER A 206 17.16 16.87 -1.14
CA SER A 206 18.01 17.41 -2.19
C SER A 206 17.34 18.43 -3.12
N GLY A 207 16.08 18.81 -2.85
CA GLY A 207 15.39 19.81 -3.69
C GLY A 207 14.48 19.30 -4.80
N GLU A 208 14.41 17.98 -5.00
CA GLU A 208 13.44 17.39 -5.93
C GLU A 208 12.01 17.64 -5.45
N THR A 209 11.12 18.01 -6.38
CA THR A 209 9.73 18.34 -6.03
C THR A 209 8.76 17.56 -6.89
N LYS A 210 7.64 17.18 -6.29
CA LYS A 210 6.52 16.56 -7.02
C LYS A 210 5.26 17.14 -6.45
N VAL A 211 4.26 17.30 -7.29
CA VAL A 211 2.98 17.84 -6.89
C VAL A 211 1.87 16.85 -7.23
N PHE A 212 0.99 16.62 -6.27
CA PHE A 212 -0.18 15.79 -6.52
C PHE A 212 -1.26 16.58 -7.29
N PRO A 213 -2.25 15.89 -7.87
CA PRO A 213 -3.35 16.64 -8.51
C PRO A 213 -4.23 17.42 -7.51
N VAL A 214 -4.98 18.40 -8.01
CA VAL A 214 -5.87 19.16 -7.17
C VAL A 214 -7.08 18.34 -6.71
N ALA A 215 -7.32 18.31 -5.41
CA ALA A 215 -8.51 17.67 -4.85
C ALA A 215 -9.55 18.70 -4.50
N GLU A 216 -10.82 18.37 -4.72
CA GLU A 216 -11.92 19.23 -4.27
C GLU A 216 -12.41 18.65 -2.97
N ASN A 217 -12.54 19.52 -1.97
CA ASN A 217 -12.83 19.07 -0.61
C ASN A 217 -14.18 19.55 -0.10
N ILE A 218 -14.96 18.61 0.41
CA ILE A 218 -16.29 18.90 0.95
C ILE A 218 -16.30 18.68 2.46
N HIS A 219 -16.47 19.78 3.20
CA HIS A 219 -16.52 19.75 4.67
C HIS A 219 -17.97 19.78 5.17
N VAL A 220 -18.24 19.04 6.24
CA VAL A 220 -19.56 19.01 6.92
C VAL A 220 -19.28 19.11 8.42
N ASN A 221 -19.84 20.12 9.09
CA ASN A 221 -19.53 20.42 10.49
C ASN A 221 -18.09 20.81 10.71
N ASN A 222 -17.44 21.40 9.71
CA ASN A 222 -16.00 21.71 9.80
C ASN A 222 -15.12 20.47 9.93
N ILE A 223 -15.65 19.33 9.51
CA ILE A 223 -14.85 18.13 9.36
C ILE A 223 -14.89 17.70 7.91
N LEU A 224 -13.73 17.36 7.37
CA LEU A 224 -13.63 16.83 6.02
C LEU A 224 -14.53 15.61 5.88
N HIS A 225 -15.42 15.68 4.90
CA HIS A 225 -16.32 14.59 4.53
C HIS A 225 -15.82 13.85 3.26
N GLU A 226 -15.67 14.57 2.15
CA GLU A 226 -15.22 13.96 0.90
C GLU A 226 -14.09 14.73 0.22
N SER A 227 -13.17 14.01 -0.42
CA SER A 227 -12.21 14.59 -1.35
C SER A 227 -12.43 14.00 -2.73
N ILE A 228 -12.47 14.87 -3.74
CA ILE A 228 -12.83 14.52 -5.11
C ILE A 228 -11.69 14.89 -6.07
N VAL A 229 -11.17 13.89 -6.78
CA VAL A 229 -10.05 14.07 -7.69
C VAL A 229 -10.33 13.32 -8.99
N PRO A 230 -10.25 14.02 -10.14
CA PRO A 230 -9.89 15.45 -10.26
C PRO A 230 -10.95 16.37 -9.63
N ALA A 231 -10.51 17.45 -8.98
CA ALA A 231 -11.42 18.53 -8.56
C ALA A 231 -12.25 19.02 -9.76
N ARG A 232 -13.54 19.28 -9.54
CA ARG A 232 -14.40 19.76 -10.65
C ARG A 232 -14.22 21.26 -10.89
N ILE A 233 -13.09 21.59 -11.49
CA ILE A 233 -12.71 22.96 -11.79
C ILE A 233 -12.09 23.00 -13.18
N THR A 234 -11.97 24.20 -13.75
CA THR A 234 -11.36 24.37 -15.08
C THR A 234 -9.89 23.97 -15.04
N GLU A 235 -9.37 23.55 -16.20
CA GLU A 235 -7.96 23.24 -16.35
C GLU A 235 -7.07 24.42 -15.91
N GLU A 236 -7.58 25.64 -16.09
CA GLU A 236 -6.85 26.87 -15.72
C GLU A 236 -6.77 27.11 -14.21
N LEU A 237 -7.85 26.79 -13.48
CA LEU A 237 -7.82 26.84 -12.01
C LEU A 237 -6.85 25.82 -11.40
N SER A 238 -6.81 24.63 -12.01
CA SER A 238 -5.93 23.55 -11.55
C SER A 238 -4.48 23.93 -11.69
N GLN A 239 -4.14 24.45 -12.88
CA GLN A 239 -2.78 24.88 -13.18
C GLN A 239 -2.31 25.95 -12.20
N LYS A 240 -3.19 26.89 -11.91
CA LYS A 240 -2.93 27.95 -10.94
C LYS A 240 -2.73 27.40 -9.52
N ALA A 241 -3.62 26.51 -9.07
CA ALA A 241 -3.48 25.90 -7.74
C ALA A 241 -2.12 25.19 -7.63
N ILE A 242 -1.75 24.48 -8.71
CA ILE A 242 -0.48 23.72 -8.73
C ILE A 242 0.75 24.64 -8.71
N ALA A 243 0.68 25.71 -9.49
CA ALA A 243 1.76 26.68 -9.52
C ALA A 243 1.93 27.36 -8.16
N TYR A 244 0.83 27.70 -7.51
CA TYR A 244 0.87 28.32 -6.17
C TYR A 244 1.59 27.40 -5.17
N ALA A 245 1.21 26.12 -5.18
CA ALA A 245 1.79 25.12 -4.29
C ALA A 245 3.31 25.00 -4.47
N LYS A 246 3.74 24.99 -5.73
CA LYS A 246 5.16 24.97 -6.10
C LYS A 246 5.91 26.19 -5.61
N VAL A 247 5.30 27.36 -5.73
CA VAL A 247 5.94 28.58 -5.25
C VAL A 247 6.12 28.52 -3.73
N LEU A 248 5.09 28.03 -3.05
CA LEU A 248 5.16 27.91 -1.60
C LEU A 248 6.26 26.97 -1.18
N ALA A 249 6.34 25.79 -1.81
CA ALA A 249 7.39 24.81 -1.51
C ALA A 249 8.80 25.36 -1.73
N ASP A 250 9.00 26.08 -2.83
CA ASP A 250 10.27 26.76 -3.08
C ASP A 250 10.54 27.84 -2.03
N GLU A 251 9.61 28.79 -1.90
CA GLU A 251 9.81 29.94 -1.02
C GLU A 251 9.99 29.57 0.45
N LEU A 252 9.22 28.58 0.91
CA LEU A 252 9.30 28.10 2.30
C LEU A 252 10.40 27.09 2.53
N GLU A 253 11.10 26.70 1.45
CA GLU A 253 12.18 25.72 1.50
C GLU A 253 11.70 24.44 2.18
N LEU A 254 10.58 23.92 1.67
CA LEU A 254 9.97 22.69 2.13
C LEU A 254 10.94 21.51 2.05
N VAL A 255 11.00 20.76 3.14
CA VAL A 255 11.50 19.40 3.08
C VAL A 255 10.41 18.53 3.70
N GLY A 256 9.98 17.51 2.96
CA GLY A 256 8.86 16.69 3.42
C GLY A 256 7.62 16.99 2.61
N THR A 257 6.48 17.00 3.30
CA THR A 257 5.17 17.14 2.70
C THR A 257 4.49 18.42 3.14
N LEU A 258 3.91 19.15 2.19
CA LEU A 258 3.11 20.32 2.50
C LEU A 258 1.74 20.20 1.84
N ALA A 259 0.70 20.28 2.67
CA ALA A 259 -0.66 20.37 2.17
C ALA A 259 -1.08 21.83 2.10
N VAL A 260 -1.57 22.26 0.95
CA VAL A 260 -2.00 23.64 0.74
C VAL A 260 -3.49 23.70 0.48
N GLU A 261 -4.22 24.29 1.41
CA GLU A 261 -5.66 24.39 1.29
C GLU A 261 -6.05 25.75 0.75
N MET A 262 -6.99 25.74 -0.19
CA MET A 262 -7.31 26.90 -1.02
C MET A 262 -8.82 27.11 -1.21
N PHE A 263 -9.22 28.36 -1.46
CA PHE A 263 -10.59 28.67 -1.90
C PHE A 263 -10.53 29.02 -3.40
N ALA A 264 -11.43 28.45 -4.18
CA ALA A 264 -11.48 28.71 -5.62
C ALA A 264 -12.82 29.33 -5.95
N THR A 265 -12.77 30.52 -6.53
CA THR A 265 -13.98 31.25 -6.91
C THR A 265 -14.44 30.81 -8.29
N ALA A 266 -15.73 31.04 -8.57
CA ALA A 266 -16.30 30.83 -9.91
C ALA A 266 -15.47 31.57 -10.97
N ASP A 267 -15.03 32.78 -10.62
CA ASP A 267 -14.24 33.65 -11.51
C ASP A 267 -12.79 33.20 -11.77
N GLY A 268 -12.38 32.10 -11.16
CA GLY A 268 -11.03 31.61 -11.39
C GLY A 268 -9.92 32.24 -10.53
N GLU A 269 -10.27 32.76 -9.36
CA GLU A 269 -9.21 33.16 -8.45
C GLU A 269 -9.01 32.18 -7.31
N ILE A 270 -7.79 32.14 -6.82
CA ILE A 270 -7.41 31.27 -5.72
C ILE A 270 -7.00 32.14 -4.53
N TYR A 271 -7.48 31.77 -3.33
CA TYR A 271 -6.92 32.30 -2.10
C TYR A 271 -6.42 31.15 -1.25
N ILE A 272 -5.21 31.29 -0.73
CA ILE A 272 -4.66 30.28 0.16
C ILE A 272 -5.35 30.42 1.51
N ASN A 273 -5.93 29.34 1.99
CA ASN A 273 -6.60 29.33 3.28
C ASN A 273 -5.63 28.93 4.39
N GLU A 274 -5.04 27.75 4.27
CA GLU A 274 -4.14 27.25 5.31
C GLU A 274 -3.17 26.18 4.82
N LEU A 275 -2.10 26.01 5.60
CA LEU A 275 -1.04 25.09 5.30
C LEU A 275 -0.90 24.08 6.43
N ALA A 276 -0.54 22.85 6.05
CA ALA A 276 -0.19 21.82 7.01
C ALA A 276 1.09 21.16 6.54
N PRO A 277 2.16 21.24 7.35
CA PRO A 277 3.48 20.70 6.98
C PRO A 277 3.61 19.20 7.29
N ARG A 278 2.74 18.40 6.68
CA ARG A 278 2.61 16.99 6.98
C ARG A 278 1.64 16.38 5.99
N PRO A 279 1.65 15.04 5.86
CA PRO A 279 0.56 14.36 5.18
C PRO A 279 -0.77 14.80 5.76
N HIS A 280 -1.79 14.85 4.91
CA HIS A 280 -3.06 15.49 5.25
C HIS A 280 -4.27 14.65 4.84
N ASN A 281 -5.37 14.84 5.53
CA ASN A 281 -6.58 14.06 5.31
C ASN A 281 -7.07 14.18 3.86
N SER A 282 -6.85 15.34 3.23
CA SER A 282 -7.30 15.57 1.86
C SER A 282 -6.38 14.91 0.83
N GLY A 283 -5.34 14.23 1.32
CA GLY A 283 -4.43 13.52 0.47
C GLY A 283 -4.54 12.02 0.55
N HIS A 284 -5.48 11.51 1.34
CA HIS A 284 -5.60 10.06 1.52
C HIS A 284 -6.04 9.35 0.25
N TYR A 285 -6.66 10.08 -0.67
CA TYR A 285 -7.07 9.50 -1.95
C TYR A 285 -5.86 8.87 -2.66
N THR A 286 -4.68 9.41 -2.39
CA THR A 286 -3.47 9.06 -3.12
C THR A 286 -3.06 7.59 -2.89
N GLN A 287 -3.50 7.00 -1.78
CA GLN A 287 -3.18 5.61 -1.46
C GLN A 287 -3.64 4.62 -2.52
N ASP A 288 -4.77 4.92 -3.16
CA ASP A 288 -5.34 3.99 -4.11
C ASP A 288 -5.39 4.52 -5.53
N ALA A 289 -5.33 5.85 -5.70
CA ALA A 289 -5.56 6.45 -7.03
C ALA A 289 -4.31 6.96 -7.74
N CYS A 290 -3.21 7.14 -7.00
CA CYS A 290 -1.98 7.64 -7.60
C CYS A 290 -0.88 6.60 -7.59
N GLU A 291 0.11 6.85 -8.44
CA GLU A 291 1.27 6.01 -8.58
C GLU A 291 2.08 5.88 -7.26
N THR A 292 2.19 6.97 -6.49
CA THR A 292 2.78 6.94 -5.12
C THR A 292 1.82 7.62 -4.15
N SER A 293 1.71 7.11 -2.93
CA SER A 293 0.87 7.77 -1.93
C SER A 293 1.60 8.96 -1.30
N GLN A 294 0.85 9.86 -0.66
CA GLN A 294 1.49 10.95 0.07
C GLN A 294 2.42 10.41 1.15
N PHE A 295 2.16 9.20 1.64
CA PHE A 295 2.98 8.67 2.71
C PHE A 295 4.27 8.07 2.20
N GLY A 296 4.21 7.34 1.09
CA GLY A 296 5.42 6.84 0.42
C GLY A 296 6.30 7.99 -0.04
N GLN A 297 5.68 9.07 -0.50
CA GLN A 297 6.40 10.27 -0.91
C GLN A 297 7.05 10.94 0.29
N HIS A 298 6.34 10.95 1.42
CA HIS A 298 6.83 11.59 2.61
C HIS A 298 8.12 10.92 3.04
N ILE A 299 8.10 9.60 3.14
CA ILE A 299 9.26 8.78 3.49
C ILE A 299 10.43 8.98 2.52
N ARG A 300 10.17 8.95 1.21
CA ARG A 300 11.22 9.20 0.23
C ARG A 300 11.84 10.57 0.41
N ALA A 301 10.98 11.58 0.61
CA ALA A 301 11.46 12.95 0.73
C ALA A 301 12.41 13.13 1.92
N ILE A 302 12.05 12.59 3.09
CA ILE A 302 12.91 12.78 4.28
C ILE A 302 14.15 11.88 4.27
N CYS A 303 14.04 10.70 3.65
CA CYS A 303 15.19 9.80 3.52
C CYS A 303 16.06 10.17 2.32
N ASN A 304 15.58 11.13 1.52
CA ASN A 304 16.31 11.62 0.34
C ASN A 304 16.46 10.53 -0.72
N LEU A 305 15.40 9.73 -0.92
CA LEU A 305 15.33 8.80 -2.04
C LEU A 305 14.74 9.54 -3.22
N PRO A 306 14.93 9.04 -4.47
CA PRO A 306 14.20 9.66 -5.59
C PRO A 306 12.71 9.65 -5.30
N LEU A 307 12.02 10.75 -5.61
CA LEU A 307 10.55 10.78 -5.42
C LEU A 307 9.84 9.95 -6.47
N GLY A 308 8.67 9.43 -6.10
CA GLY A 308 7.83 8.68 -7.02
C GLY A 308 7.00 9.61 -7.89
N GLU A 309 6.33 9.05 -8.89
CA GLU A 309 5.41 9.81 -9.72
C GLU A 309 4.10 10.03 -8.99
N THR A 310 3.40 11.11 -9.35
CA THR A 310 2.14 11.47 -8.70
C THR A 310 0.96 11.45 -9.66
N ASN A 311 1.12 10.79 -10.80
CA ASN A 311 0.04 10.70 -11.79
C ASN A 311 -1.20 10.11 -11.17
N LEU A 312 -2.34 10.70 -11.51
CA LEU A 312 -3.61 10.13 -11.13
C LEU A 312 -3.90 9.00 -12.12
N LEU A 313 -3.99 7.78 -11.59
CA LEU A 313 -4.19 6.60 -12.41
C LEU A 313 -5.67 6.27 -12.61
N LYS A 314 -6.51 6.77 -11.70
CA LYS A 314 -7.95 6.58 -11.79
C LYS A 314 -8.66 7.64 -10.95
N PRO A 315 -9.81 8.16 -11.42
CA PRO A 315 -10.56 9.13 -10.62
C PRO A 315 -11.09 8.54 -9.32
N VAL A 316 -11.16 9.36 -8.26
CA VAL A 316 -11.42 8.82 -6.93
C VAL A 316 -12.30 9.74 -6.07
N VAL A 317 -13.13 9.15 -5.21
CA VAL A 317 -13.78 9.92 -4.14
C VAL A 317 -13.43 9.31 -2.79
N MET A 318 -12.70 10.06 -1.96
CA MET A 318 -12.36 9.63 -0.60
C MET A 318 -13.48 10.09 0.32
N VAL A 319 -13.94 9.19 1.17
CA VAL A 319 -14.95 9.54 2.15
C VAL A 319 -14.42 9.16 3.52
N ASN A 320 -14.48 10.11 4.45
CA ASN A 320 -14.08 9.86 5.83
C ASN A 320 -15.05 8.96 6.57
N ILE A 321 -14.51 8.08 7.39
CA ILE A 321 -15.32 7.26 8.28
C ILE A 321 -15.10 7.78 9.71
N LEU A 322 -16.13 8.39 10.28
CA LEU A 322 -16.05 8.88 11.66
C LEU A 322 -16.62 7.79 12.58
N GLY A 323 -16.50 7.96 13.89
CA GLY A 323 -17.07 7.01 14.84
C GLY A 323 -18.56 6.76 14.55
N GLU A 324 -19.30 7.82 14.28
CA GLU A 324 -20.72 7.71 13.94
C GLU A 324 -21.01 6.85 12.70
N HIS A 325 -19.99 6.55 11.90
CA HIS A 325 -20.16 5.76 10.67
C HIS A 325 -19.66 4.33 10.75
N ILE A 326 -18.93 3.99 11.81
CA ILE A 326 -18.23 2.71 11.82
C ILE A 326 -19.16 1.48 11.75
N GLU A 327 -20.26 1.51 12.48
CA GLU A 327 -21.15 0.35 12.48
C GLU A 327 -21.82 0.16 11.12
N GLY A 328 -22.24 1.28 10.53
CA GLY A 328 -22.75 1.28 9.16
C GLY A 328 -21.78 0.72 8.12
N VAL A 329 -20.50 1.09 8.21
CA VAL A 329 -19.50 0.52 7.29
C VAL A 329 -19.39 -1.02 7.40
N LEU A 330 -19.21 -1.51 8.62
CA LEU A 330 -19.12 -2.96 8.89
C LEU A 330 -20.36 -3.71 8.42
N ARG A 331 -21.51 -3.07 8.60
CA ARG A 331 -22.81 -3.65 8.26
C ARG A 331 -22.98 -3.70 6.74
N GLN A 332 -22.36 -2.74 6.05
CA GLN A 332 -22.51 -2.58 4.60
C GLN A 332 -21.32 -3.14 3.86
N VAL A 333 -20.46 -3.86 4.57
CA VAL A 333 -19.20 -4.35 3.99
C VAL A 333 -19.37 -5.13 2.66
N ASN A 334 -20.42 -5.94 2.56
CA ASN A 334 -20.72 -6.68 1.34
C ASN A 334 -21.07 -5.79 0.15
N ARG A 335 -21.23 -4.50 0.39
CA ARG A 335 -21.57 -3.59 -0.69
C ARG A 335 -20.38 -2.72 -1.17
N LEU A 336 -19.19 -3.03 -0.68
CA LEU A 336 -18.01 -2.20 -0.94
C LEU A 336 -17.26 -2.50 -2.24
N THR A 337 -17.98 -2.95 -3.26
CA THR A 337 -17.43 -3.11 -4.60
C THR A 337 -16.90 -1.75 -5.14
N GLY A 338 -15.74 -1.77 -5.79
CA GLY A 338 -15.10 -0.54 -6.27
C GLY A 338 -14.66 0.43 -5.18
N CYS A 339 -14.60 -0.05 -3.94
CA CYS A 339 -14.27 0.78 -2.78
C CYS A 339 -13.05 0.19 -2.08
N TYR A 340 -12.15 1.05 -1.62
CA TYR A 340 -10.94 0.59 -0.95
C TYR A 340 -10.90 1.14 0.46
N LEU A 341 -11.14 0.24 1.40
CA LEU A 341 -11.34 0.56 2.80
C LEU A 341 -10.04 0.67 3.58
N HIS A 342 -9.93 1.72 4.37
CA HIS A 342 -8.79 1.91 5.28
C HIS A 342 -9.34 2.17 6.69
N LEU A 343 -8.95 1.34 7.64
CA LEU A 343 -9.36 1.53 9.04
C LEU A 343 -8.11 1.56 9.90
N TYR A 344 -8.08 2.48 10.86
CA TYR A 344 -6.83 2.86 11.52
C TYR A 344 -6.52 2.09 12.81
N GLY A 345 -7.43 1.23 13.24
CA GLY A 345 -7.18 0.43 14.43
C GLY A 345 -7.34 1.18 15.74
N LYS A 346 -8.15 2.24 15.75
CA LYS A 346 -8.36 2.99 16.99
C LYS A 346 -9.24 2.19 17.96
N GLU A 347 -8.80 2.16 19.22
CA GLU A 347 -9.46 1.37 20.27
C GLU A 347 -10.82 1.95 20.59
N GLU A 348 -10.80 3.22 20.98
CA GLU A 348 -11.99 3.91 21.46
C GLU A 348 -12.63 4.73 20.34
N ALA A 349 -13.81 4.32 19.91
CA ALA A 349 -14.58 5.11 18.96
C ALA A 349 -15.29 6.28 19.65
N LYS A 350 -15.40 7.40 18.95
CA LYS A 350 -16.12 8.57 19.43
C LYS A 350 -16.76 9.19 18.19
N ALA A 351 -17.88 9.88 18.36
CA ALA A 351 -18.78 10.23 17.27
C ALA A 351 -18.11 10.94 16.06
N GLN A 352 -17.30 11.95 16.36
CA GLN A 352 -16.61 12.68 15.28
C GLN A 352 -15.11 12.35 15.18
N ARG A 353 -14.69 11.28 15.86
CA ARG A 353 -13.31 10.80 15.75
C ARG A 353 -13.10 10.16 14.38
N LYS A 354 -11.95 10.45 13.75
CA LYS A 354 -11.63 9.81 12.46
C LYS A 354 -11.14 8.37 12.67
N MET A 355 -11.95 7.42 12.20
CA MET A 355 -11.68 5.98 12.38
C MET A 355 -11.09 5.31 11.15
N GLY A 356 -11.28 5.94 9.99
CA GLY A 356 -10.90 5.34 8.72
C GLY A 356 -11.30 6.22 7.56
N HIS A 357 -11.11 5.70 6.36
CA HIS A 357 -11.60 6.34 5.16
C HIS A 357 -11.79 5.30 4.06
N VAL A 358 -12.67 5.60 3.11
CA VAL A 358 -12.86 4.71 2.01
C VAL A 358 -12.59 5.47 0.70
N ASN A 359 -11.78 4.86 -0.16
CA ASN A 359 -11.48 5.44 -1.44
C ASN A 359 -12.35 4.74 -2.49
N ILE A 360 -13.23 5.49 -3.14
CA ILE A 360 -14.09 4.93 -4.18
C ILE A 360 -13.49 5.28 -5.54
N LEU A 361 -12.93 4.28 -6.22
CA LEU A 361 -12.28 4.48 -7.52
C LEU A 361 -13.28 4.19 -8.62
N ASN A 362 -13.42 5.10 -9.57
CA ASN A 362 -14.29 4.89 -10.73
C ASN A 362 -13.82 5.70 -11.93
N ASP A 363 -14.03 5.18 -13.14
CA ASP A 363 -13.78 5.94 -14.38
C ASP A 363 -14.52 7.28 -14.39
N ASN A 364 -15.69 7.29 -13.78
CA ASN A 364 -16.54 8.47 -13.73
C ASN A 364 -16.79 8.95 -12.31
N ILE A 365 -16.34 10.19 -12.06
CA ILE A 365 -16.48 10.83 -10.74
C ILE A 365 -17.91 10.87 -10.21
N GLU A 366 -18.88 11.16 -11.08
CA GLU A 366 -20.27 11.24 -10.65
C GLU A 366 -20.83 9.88 -10.20
N VAL A 367 -20.37 8.79 -10.81
CA VAL A 367 -20.77 7.44 -10.38
C VAL A 367 -20.20 7.10 -8.99
N ALA A 368 -18.97 7.54 -8.74
CA ALA A 368 -18.33 7.32 -7.44
C ALA A 368 -19.06 8.09 -6.37
N LEU A 369 -19.42 9.33 -6.68
CA LEU A 369 -20.20 10.14 -5.75
C LEU A 369 -21.54 9.50 -5.47
N GLU A 370 -22.19 9.02 -6.52
CA GLU A 370 -23.46 8.32 -6.39
C GLU A 370 -23.29 7.03 -5.57
N LYS A 371 -22.16 6.35 -5.74
CA LYS A 371 -21.86 5.19 -4.91
C LYS A 371 -21.85 5.53 -3.40
N ALA A 372 -21.13 6.56 -2.99
CA ALA A 372 -21.15 6.99 -1.59
C ALA A 372 -22.57 7.28 -1.05
N LYS A 373 -23.40 7.91 -1.87
CA LYS A 373 -24.79 8.18 -1.48
C LYS A 373 -25.61 6.89 -1.34
N SER A 374 -25.45 5.97 -2.29
CA SER A 374 -26.26 4.75 -2.29
C SER A 374 -25.92 3.79 -1.15
N LEU A 375 -24.71 3.87 -0.62
CA LEU A 375 -24.34 3.07 0.56
C LEU A 375 -25.14 3.46 1.79
N HIS A 376 -25.69 4.69 1.77
CA HIS A 376 -26.43 5.30 2.89
C HIS A 376 -25.68 5.40 4.25
N ILE A 377 -24.38 5.18 4.27
CA ILE A 377 -23.59 5.32 5.49
C ILE A 377 -23.54 6.79 5.94
N TRP A 378 -23.40 7.71 4.98
CA TRP A 378 -23.24 9.14 5.30
C TRP A 378 -24.50 10.01 5.06
N ASP A 379 -25.67 9.41 5.22
CA ASP A 379 -26.97 10.09 5.08
C ASP A 379 -26.99 11.36 5.91
N HIS A 380 -26.45 11.29 7.12
CA HIS A 380 -26.37 12.46 7.99
C HIS A 380 -25.63 13.63 7.35
N GLN A 381 -24.46 13.33 6.78
CA GLN A 381 -23.63 14.32 6.08
C GLN A 381 -24.35 14.88 4.85
N GLU A 382 -24.97 13.99 4.08
CA GLU A 382 -25.69 14.38 2.86
C GLU A 382 -26.89 15.26 3.17
N GLN A 383 -27.55 15.01 4.29
CA GLN A 383 -28.68 15.82 4.74
C GLN A 383 -28.21 17.20 5.23
N LEU A 384 -27.10 17.22 5.95
CA LEU A 384 -26.53 18.48 6.38
C LEU A 384 -26.08 19.34 5.18
N LEU A 385 -25.77 18.70 4.05
CA LEU A 385 -25.35 19.43 2.84
C LEU A 385 -26.52 20.12 2.11
N GLU A 386 -27.57 20.42 2.87
CA GLU A 386 -28.66 21.31 2.43
C GLU A 386 -29.32 21.90 3.69
N GLY A 387 -29.40 23.23 3.82
CA GLY A 387 -29.19 24.20 2.74
C GLY A 387 -27.83 24.27 2.06
N LYS A 388 -27.86 24.33 0.73
CA LYS A 388 -26.67 24.48 -0.11
C LYS A 388 -26.56 25.95 -0.59
N ARG A 389 -25.94 26.17 -1.76
CA ARG A 389 -26.04 27.46 -2.46
C ARG A 389 -25.78 27.29 -3.96
N MET B 7 -19.76 -19.84 4.43
CA MET B 7 -20.41 -19.91 3.08
C MET B 7 -20.88 -18.51 2.67
N THR B 8 -21.62 -17.85 3.55
CA THR B 8 -21.92 -16.41 3.42
C THR B 8 -21.14 -15.70 4.51
N ARG B 9 -20.35 -16.49 5.25
CA ARG B 9 -19.57 -16.04 6.40
C ARG B 9 -18.54 -14.96 6.06
N ILE B 10 -18.46 -13.95 6.91
CA ILE B 10 -17.63 -12.78 6.68
C ILE B 10 -16.75 -12.56 7.89
N ILE B 11 -15.45 -12.41 7.65
CA ILE B 11 -14.50 -12.05 8.70
C ILE B 11 -14.22 -10.54 8.60
N LEU B 12 -14.75 -9.80 9.58
CA LEU B 12 -14.79 -8.34 9.50
C LEU B 12 -13.47 -7.68 9.86
N PRO B 13 -13.20 -6.50 9.26
CA PRO B 13 -12.13 -5.65 9.75
C PRO B 13 -12.16 -5.53 11.27
N GLY B 14 -11.00 -5.68 11.91
CA GLY B 14 -10.90 -5.66 13.36
C GLY B 14 -10.54 -7.03 13.91
N LYS B 15 -10.96 -8.09 13.21
CA LYS B 15 -10.65 -9.48 13.58
C LYS B 15 -9.18 -9.82 13.33
N THR B 16 -8.78 -11.02 13.75
CA THR B 16 -7.39 -11.44 13.61
C THR B 16 -7.24 -12.51 12.52
N ILE B 17 -6.27 -12.28 11.62
CA ILE B 17 -5.95 -13.25 10.58
C ILE B 17 -4.69 -13.97 10.99
N GLY B 18 -4.74 -15.29 11.03
CA GLY B 18 -3.58 -16.11 11.38
C GLY B 18 -2.88 -16.61 10.13
N ILE B 19 -1.55 -16.46 10.09
CA ILE B 19 -0.78 -16.86 8.94
C ILE B 19 0.23 -17.92 9.32
N ILE B 20 0.17 -19.05 8.62
CA ILE B 20 1.19 -20.07 8.72
C ILE B 20 2.32 -19.78 7.73
N GLY B 21 3.47 -19.40 8.30
CA GLY B 21 4.68 -19.09 7.56
C GLY B 21 4.96 -17.61 7.71
N GLY B 22 6.22 -17.24 7.94
CA GLY B 22 6.54 -15.84 8.20
C GLY B 22 7.44 -15.18 7.18
N GLY B 23 7.39 -15.67 5.94
CA GLY B 23 8.24 -15.13 4.89
C GLY B 23 7.64 -13.90 4.24
N GLN B 24 8.20 -13.50 3.11
CA GLN B 24 7.78 -12.26 2.44
C GLN B 24 6.31 -12.29 2.00
N LEU B 25 5.80 -13.45 1.59
CA LEU B 25 4.42 -13.50 1.14
C LEU B 25 3.50 -13.18 2.31
N GLY B 26 3.78 -13.78 3.46
CA GLY B 26 3.00 -13.49 4.68
C GLY B 26 3.15 -12.05 5.10
N ARG B 27 4.37 -11.51 5.00
CA ARG B 27 4.60 -10.11 5.35
C ARG B 27 3.71 -9.18 4.50
N MET B 28 3.62 -9.46 3.20
CA MET B 28 2.87 -8.59 2.29
C MET B 28 1.37 -8.79 2.43
N MET B 29 0.96 -10.01 2.78
CA MET B 29 -0.42 -10.25 3.22
C MET B 29 -0.76 -9.40 4.43
N ALA B 30 0.14 -9.38 5.40
CA ALA B 30 -0.08 -8.70 6.67
C ALA B 30 -0.18 -7.18 6.46
N LEU B 31 0.72 -6.61 5.67
CA LEU B 31 0.68 -5.17 5.39
C LEU B 31 -0.63 -4.78 4.70
N ALA B 32 -1.08 -5.64 3.80
CA ALA B 32 -2.35 -5.40 3.11
C ALA B 32 -3.50 -5.49 4.12
N ALA B 33 -3.49 -6.56 4.94
CA ALA B 33 -4.54 -6.73 5.95
C ALA B 33 -4.61 -5.58 6.95
N LYS B 34 -3.47 -5.06 7.39
CA LYS B 34 -3.46 -3.97 8.37
C LYS B 34 -4.04 -2.65 7.87
N GLU B 35 -3.99 -2.40 6.55
CA GLU B 35 -4.56 -1.17 6.03
C GLU B 35 -6.08 -1.17 6.23
N MET B 36 -6.67 -2.37 6.21
CA MET B 36 -8.10 -2.52 6.48
C MET B 36 -8.45 -2.67 7.95
N GLY B 37 -7.46 -2.64 8.84
CA GLY B 37 -7.71 -2.70 10.27
C GLY B 37 -7.73 -4.10 10.89
N TYR B 38 -7.28 -5.11 10.14
CA TYR B 38 -7.14 -6.45 10.70
C TYR B 38 -5.94 -6.54 11.62
N LYS B 39 -6.00 -7.48 12.56
CA LYS B 39 -4.83 -7.86 13.32
C LYS B 39 -4.25 -9.13 12.71
N ILE B 40 -2.97 -9.39 12.98
CA ILE B 40 -2.22 -10.45 12.34
C ILE B 40 -1.50 -11.29 13.36
N ALA B 41 -1.75 -12.60 13.33
CA ALA B 41 -0.91 -13.58 14.04
C ALA B 41 -0.10 -14.38 13.02
N VAL B 42 1.15 -14.67 13.35
CA VAL B 42 2.01 -15.44 12.47
C VAL B 42 2.70 -16.58 13.22
N LEU B 43 2.66 -17.76 12.61
CA LEU B 43 3.47 -18.90 13.06
C LEU B 43 4.65 -19.14 12.10
N ASP B 44 5.86 -19.08 12.65
CA ASP B 44 7.11 -19.32 11.93
C ASP B 44 8.18 -19.83 12.93
N PRO B 45 9.03 -20.77 12.50
CA PRO B 45 10.03 -21.37 13.40
C PRO B 45 11.18 -20.45 13.81
N THR B 46 11.41 -19.37 13.08
CA THR B 46 12.52 -18.47 13.39
C THR B 46 11.99 -17.12 13.84
N LYS B 47 12.58 -16.61 14.92
CA LYS B 47 12.20 -15.33 15.50
C LYS B 47 12.44 -14.17 14.52
N ASN B 48 11.56 -13.17 14.59
CA ASN B 48 11.74 -11.93 13.84
C ASN B 48 11.70 -12.14 12.30
N SER B 49 10.89 -13.09 11.88
CA SER B 49 10.66 -13.34 10.45
C SER B 49 10.12 -12.07 9.76
N PRO B 50 10.26 -11.98 8.42
CA PRO B 50 9.66 -10.86 7.65
C PRO B 50 8.22 -10.52 8.05
N CYS B 51 7.40 -11.54 8.25
CA CYS B 51 6.01 -11.35 8.61
C CYS B 51 5.83 -10.92 10.07
N ALA B 52 6.60 -11.51 10.99
CA ALA B 52 6.54 -11.12 12.41
C ALA B 52 6.87 -9.65 12.65
N GLN B 53 7.77 -9.09 11.83
CA GLN B 53 8.13 -7.66 11.90
C GLN B 53 6.93 -6.75 11.61
N VAL B 54 5.83 -7.34 11.14
CA VAL B 54 4.63 -6.57 10.83
C VAL B 54 3.42 -7.14 11.60
N ALA B 55 3.58 -8.29 12.25
CA ALA B 55 2.48 -8.96 12.95
C ALA B 55 2.22 -8.39 14.37
N ASP B 56 0.99 -8.46 14.83
CA ASP B 56 0.69 -8.09 16.20
C ASP B 56 1.12 -9.20 17.15
N ILE B 57 0.96 -10.46 16.73
CA ILE B 57 1.36 -11.60 17.54
C ILE B 57 2.30 -12.54 16.78
N GLU B 58 3.42 -12.88 17.42
CA GLU B 58 4.37 -13.84 16.85
C GLU B 58 4.38 -15.15 17.65
N ILE B 59 4.22 -16.28 16.96
CA ILE B 59 4.43 -17.59 17.55
C ILE B 59 5.62 -18.28 16.90
N VAL B 60 6.71 -18.40 17.64
CA VAL B 60 7.90 -19.11 17.19
C VAL B 60 7.77 -20.61 17.51
N ALA B 61 7.54 -21.41 16.48
CA ALA B 61 7.45 -22.86 16.60
C ALA B 61 7.62 -23.53 15.24
N SER B 62 7.87 -24.84 15.24
CA SER B 62 7.94 -25.62 14.02
C SER B 62 6.57 -25.69 13.34
N TYR B 63 6.55 -25.92 12.02
CA TYR B 63 5.29 -25.99 11.27
C TYR B 63 4.49 -27.26 11.56
N ASP B 64 5.17 -28.27 12.09
CA ASP B 64 4.56 -29.54 12.44
C ASP B 64 4.19 -29.62 13.93
N ASP B 65 4.58 -28.59 14.69
CA ASP B 65 4.24 -28.51 16.12
C ASP B 65 2.74 -28.28 16.33
N LEU B 66 2.01 -29.37 16.53
CA LEU B 66 0.55 -29.35 16.62
C LEU B 66 0.03 -28.46 17.77
N LYS B 67 0.80 -28.34 18.84
CA LYS B 67 0.43 -27.53 19.99
C LYS B 67 0.36 -26.05 19.60
N ALA B 68 1.41 -25.58 18.92
CA ALA B 68 1.50 -24.19 18.48
C ALA B 68 0.46 -23.85 17.41
N ILE B 69 0.18 -24.82 16.53
CA ILE B 69 -0.89 -24.73 15.54
C ILE B 69 -2.24 -24.54 16.23
N GLN B 70 -2.45 -25.27 17.33
CA GLN B 70 -3.63 -25.10 18.19
C GLN B 70 -3.70 -23.70 18.75
N HIS B 71 -2.56 -23.19 19.20
CA HIS B 71 -2.48 -21.83 19.72
C HIS B 71 -2.67 -20.77 18.62
N LEU B 72 -2.30 -21.09 17.39
CA LEU B 72 -2.59 -20.19 16.27
C LEU B 72 -4.10 -20.06 16.05
N ALA B 73 -4.79 -21.21 15.93
CA ALA B 73 -6.24 -21.29 15.76
C ALA B 73 -7.04 -20.55 16.84
N GLU B 74 -6.52 -20.60 18.06
CA GLU B 74 -7.17 -20.11 19.27
C GLU B 74 -7.33 -18.59 19.22
N ILE B 75 -6.26 -17.93 18.77
CA ILE B 75 -6.18 -16.48 18.75
C ILE B 75 -6.62 -15.87 17.40
N SER B 76 -7.01 -16.72 16.46
CA SER B 76 -7.34 -16.28 15.10
C SER B 76 -8.79 -16.52 14.72
N ASP B 77 -9.36 -15.55 14.02
CA ASP B 77 -10.70 -15.68 13.54
C ASP B 77 -10.73 -16.37 12.18
N VAL B 78 -9.59 -16.36 11.50
CA VAL B 78 -9.42 -17.03 10.21
C VAL B 78 -7.94 -17.36 10.02
N VAL B 79 -7.67 -18.48 9.35
CA VAL B 79 -6.29 -18.91 9.13
C VAL B 79 -6.03 -19.08 7.62
N THR B 80 -4.83 -18.70 7.21
CA THR B 80 -4.31 -18.91 5.86
C THR B 80 -2.84 -19.34 5.95
N TYR B 81 -2.27 -19.76 4.82
CA TYR B 81 -0.89 -20.18 4.78
C TYR B 81 -0.15 -19.41 3.71
N GLU B 82 1.18 -19.31 3.82
CA GLU B 82 1.96 -18.51 2.86
C GLU B 82 3.14 -19.25 2.22
N PHE B 83 3.14 -20.58 2.32
CA PHE B 83 4.09 -21.45 1.63
C PHE B 83 3.47 -22.84 1.59
N GLU B 84 3.85 -23.63 0.60
CA GLU B 84 3.15 -24.87 0.28
C GLU B 84 3.61 -26.08 1.08
N ASN B 85 4.87 -26.09 1.49
CA ASN B 85 5.44 -27.24 2.19
C ASN B 85 4.99 -27.36 3.65
N ILE B 86 3.67 -27.30 3.85
CA ILE B 86 3.06 -27.59 5.14
C ILE B 86 2.55 -29.00 5.02
N ASP B 87 2.66 -29.75 6.12
CA ASP B 87 2.09 -31.07 6.13
C ASP B 87 0.58 -30.95 5.95
N TYR B 88 0.06 -31.51 4.87
CA TYR B 88 -1.38 -31.44 4.57
C TYR B 88 -2.23 -31.98 5.72
N ARG B 89 -1.58 -32.70 6.63
CA ARG B 89 -2.20 -33.21 7.86
C ARG B 89 -2.49 -32.09 8.87
N CYS B 90 -1.61 -31.10 8.93
CA CYS B 90 -1.82 -29.92 9.79
C CYS B 90 -3.02 -29.08 9.30
N LEU B 91 -3.17 -28.98 7.99
CA LEU B 91 -4.28 -28.24 7.38
C LEU B 91 -5.63 -28.94 7.58
N GLN B 92 -5.59 -30.25 7.76
CA GLN B 92 -6.81 -31.01 8.06
C GLN B 92 -7.32 -30.82 9.47
N TRP B 93 -6.40 -30.52 10.40
CA TRP B 93 -6.80 -30.20 11.77
C TRP B 93 -7.49 -28.84 11.83
N LEU B 94 -6.96 -27.89 11.07
CA LEU B 94 -7.49 -26.53 11.06
C LEU B 94 -8.84 -26.45 10.35
N GLU B 95 -8.99 -27.23 9.29
CA GLU B 95 -10.23 -27.27 8.53
C GLU B 95 -11.41 -27.73 9.40
N LYS B 96 -11.16 -28.72 10.25
CA LYS B 96 -12.21 -29.30 11.07
C LYS B 96 -12.42 -28.57 12.40
N HIS B 97 -11.35 -28.07 13.01
CA HIS B 97 -11.47 -27.45 14.34
C HIS B 97 -11.32 -25.92 14.39
N ALA B 98 -10.75 -25.33 13.34
CA ALA B 98 -10.65 -23.87 13.23
C ALA B 98 -11.36 -23.37 11.97
N TYR B 99 -10.93 -22.24 11.41
CA TYR B 99 -11.51 -21.74 10.18
C TYR B 99 -10.43 -21.49 9.11
N LEU B 100 -10.42 -22.39 8.13
CA LEU B 100 -9.48 -22.36 7.01
C LEU B 100 -10.26 -22.45 5.70
N PRO B 101 -10.82 -21.32 5.23
CA PRO B 101 -11.69 -21.28 4.06
C PRO B 101 -11.05 -21.85 2.79
N GLN B 102 -9.73 -21.78 2.69
CA GLN B 102 -9.06 -22.33 1.51
C GLN B 102 -9.15 -23.85 1.45
N GLY B 103 -9.31 -24.48 2.62
CA GLY B 103 -9.33 -25.93 2.75
C GLY B 103 -7.97 -26.59 2.59
N SER B 104 -7.92 -27.90 2.82
CA SER B 104 -6.69 -28.69 2.73
C SER B 104 -6.51 -29.37 1.36
N GLN B 105 -7.62 -29.60 0.65
CA GLN B 105 -7.57 -30.42 -0.54
C GLN B 105 -6.85 -29.79 -1.72
N LEU B 106 -6.99 -28.48 -1.90
CA LEU B 106 -6.33 -27.79 -3.00
C LEU B 106 -4.81 -27.84 -2.84
N LEU B 107 -4.34 -27.66 -1.61
CA LEU B 107 -2.92 -27.75 -1.31
C LEU B 107 -2.38 -29.15 -1.61
N SER B 108 -3.07 -30.18 -1.12
CA SER B 108 -2.62 -31.55 -1.31
C SER B 108 -2.41 -31.91 -2.79
N LYS B 109 -3.35 -31.50 -3.65
CA LYS B 109 -3.23 -31.73 -5.09
C LYS B 109 -2.01 -31.04 -5.76
N THR B 110 -1.75 -29.77 -5.42
CA THR B 110 -0.68 -28.99 -6.07
C THR B 110 0.72 -29.18 -5.45
N GLN B 111 0.76 -29.78 -4.27
CA GLN B 111 1.99 -30.07 -3.55
C GLN B 111 2.87 -31.14 -4.25
N ASN B 112 2.24 -31.93 -5.13
CA ASN B 112 2.89 -33.02 -5.83
C ASN B 112 2.71 -32.81 -7.33
N ARG B 113 3.82 -32.65 -8.05
CA ARG B 113 3.80 -32.42 -9.50
C ARG B 113 2.98 -33.46 -10.26
N PHE B 114 3.03 -34.72 -9.83
CA PHE B 114 2.28 -35.77 -10.49
C PHE B 114 0.77 -35.59 -10.29
N THR B 115 0.34 -35.45 -9.05
CA THR B 115 -1.10 -35.32 -8.75
C THR B 115 -1.64 -33.98 -9.28
N GLU B 116 -0.77 -32.99 -9.40
CA GLU B 116 -1.09 -31.71 -10.01
C GLU B 116 -1.47 -31.88 -11.49
N LYS B 117 -0.72 -32.71 -12.21
CA LYS B 117 -0.99 -32.96 -13.63
C LYS B 117 -2.39 -33.49 -13.80
N ASN B 118 -2.75 -34.38 -12.88
CA ASN B 118 -4.02 -35.06 -12.94
C ASN B 118 -5.19 -34.09 -12.76
N ALA B 119 -5.05 -33.15 -11.84
CA ALA B 119 -6.06 -32.10 -11.63
C ALA B 119 -6.23 -31.20 -12.86
N ILE B 120 -5.11 -30.86 -13.51
CA ILE B 120 -5.14 -30.06 -14.74
C ILE B 120 -5.84 -30.82 -15.87
N GLU B 121 -5.51 -32.11 -16.03
CA GLU B 121 -6.08 -32.95 -17.09
C GLU B 121 -7.58 -33.20 -16.90
N LYS B 122 -7.99 -33.34 -15.65
CA LYS B 122 -9.41 -33.44 -15.27
C LYS B 122 -10.22 -32.22 -15.74
N ALA B 123 -9.67 -31.03 -15.52
CA ALA B 123 -10.29 -29.79 -15.96
C ALA B 123 -10.23 -29.61 -17.47
N GLY B 124 -9.48 -30.48 -18.15
CA GLY B 124 -9.50 -30.51 -19.61
C GLY B 124 -8.46 -29.67 -20.32
N LEU B 125 -7.43 -29.22 -19.61
CA LEU B 125 -6.41 -28.35 -20.20
C LEU B 125 -5.14 -29.13 -20.55
N PRO B 126 -4.35 -28.62 -21.54
CA PRO B 126 -3.09 -29.23 -21.97
C PRO B 126 -1.97 -29.22 -20.92
N VAL B 127 -1.29 -30.36 -20.78
CA VAL B 127 -0.01 -30.43 -20.08
C VAL B 127 1.00 -31.15 -20.96
N ALA B 128 2.28 -30.94 -20.67
CA ALA B 128 3.36 -31.75 -21.23
C ALA B 128 3.07 -33.24 -20.90
N THR B 129 3.18 -34.11 -21.91
CA THR B 129 2.94 -35.55 -21.69
C THR B 129 3.98 -36.03 -20.67
N TYR B 130 3.53 -36.85 -19.73
CA TYR B 130 4.36 -37.12 -18.54
C TYR B 130 4.24 -38.56 -18.06
N ARG B 131 5.27 -39.03 -17.36
CA ARG B 131 5.30 -40.34 -16.72
C ARG B 131 5.90 -40.26 -15.30
N LEU B 132 5.29 -40.97 -14.36
CA LEU B 132 5.83 -41.10 -13.02
C LEU B 132 7.10 -41.97 -13.03
N VAL B 133 8.15 -41.52 -12.35
CA VAL B 133 9.42 -42.24 -12.26
C VAL B 133 9.78 -42.50 -10.79
N GLN B 134 9.87 -43.78 -10.41
CA GLN B 134 10.16 -44.17 -9.02
C GLN B 134 11.44 -44.99 -8.85
N ASN B 135 12.04 -45.39 -9.98
CA ASN B 135 13.26 -46.19 -9.99
C ASN B 135 13.88 -46.15 -11.38
N GLN B 136 15.04 -46.79 -11.55
CA GLN B 136 15.74 -46.75 -12.84
C GLN B 136 14.97 -47.41 -13.99
N GLU B 137 14.27 -48.51 -13.68
CA GLU B 137 13.48 -49.20 -14.70
C GLU B 137 12.42 -48.25 -15.27
N GLN B 138 11.71 -47.56 -14.38
CA GLN B 138 10.64 -46.65 -14.79
C GLN B 138 11.16 -45.47 -15.58
N LEU B 139 12.36 -45.01 -15.23
CA LEU B 139 13.00 -43.94 -15.97
C LEU B 139 13.33 -44.37 -17.41
N THR B 140 13.87 -45.57 -17.55
CA THR B 140 14.19 -46.15 -18.85
C THR B 140 12.95 -46.27 -19.73
N GLU B 141 11.86 -46.81 -19.17
CA GLU B 141 10.62 -46.93 -19.92
C GLU B 141 10.06 -45.55 -20.30
N ALA B 142 10.14 -44.59 -19.37
CA ALA B 142 9.61 -43.25 -19.65
C ALA B 142 10.40 -42.59 -20.78
N ILE B 143 11.73 -42.65 -20.71
CA ILE B 143 12.58 -42.11 -21.78
C ILE B 143 12.26 -42.76 -23.15
N ALA B 144 12.03 -44.07 -23.17
CA ALA B 144 11.71 -44.79 -24.40
C ALA B 144 10.37 -44.31 -24.97
N GLU B 145 9.38 -44.13 -24.08
CA GLU B 145 8.05 -43.65 -24.42
C GLU B 145 8.05 -42.19 -24.91
N LEU B 146 8.78 -41.31 -24.22
CA LEU B 146 8.67 -39.87 -24.44
C LEU B 146 9.80 -39.26 -25.28
N SER B 147 10.89 -40.00 -25.42
CA SER B 147 12.03 -39.59 -26.27
C SER B 147 12.65 -38.26 -25.83
N TYR B 148 13.49 -37.70 -26.70
CA TYR B 148 14.16 -36.42 -26.41
C TYR B 148 13.60 -35.29 -27.28
N PRO B 149 13.66 -34.04 -26.78
CA PRO B 149 14.14 -33.65 -25.46
C PRO B 149 13.09 -33.87 -24.37
N SER B 150 13.52 -33.90 -23.11
CA SER B 150 12.64 -34.20 -21.98
C SER B 150 13.18 -33.64 -20.68
N VAL B 151 12.32 -33.47 -19.67
CA VAL B 151 12.79 -32.94 -18.40
C VAL B 151 12.32 -33.81 -17.26
N LEU B 152 13.26 -34.15 -16.38
CA LEU B 152 12.98 -34.90 -15.18
C LEU B 152 12.88 -33.94 -14.00
N LYS B 153 11.76 -34.00 -13.28
CA LYS B 153 11.50 -33.13 -12.12
C LYS B 153 11.09 -33.98 -10.94
N THR B 154 11.58 -33.62 -9.75
CA THR B 154 11.08 -34.21 -8.50
C THR B 154 9.62 -33.85 -8.30
N THR B 155 8.79 -34.81 -7.87
CA THR B 155 7.37 -34.54 -7.69
C THR B 155 7.08 -33.58 -6.54
N THR B 156 7.92 -33.63 -5.49
CA THR B 156 7.75 -32.79 -4.29
C THR B 156 9.02 -31.99 -3.92
N GLY B 157 8.89 -31.04 -2.99
CA GLY B 157 10.03 -30.27 -2.50
C GLY B 157 10.47 -29.18 -3.48
N GLY B 158 10.74 -27.99 -2.93
CA GLY B 158 11.09 -26.81 -3.73
C GLY B 158 12.40 -26.16 -3.30
N TYR B 159 13.27 -26.96 -2.70
CA TYR B 159 14.58 -26.53 -2.24
C TYR B 159 15.62 -27.57 -2.69
N ASP B 160 16.68 -27.75 -1.88
CA ASP B 160 17.77 -28.72 -2.15
C ASP B 160 18.63 -28.35 -3.39
N GLY B 161 19.69 -29.13 -3.62
CA GLY B 161 20.60 -28.91 -4.75
C GLY B 161 20.39 -29.92 -5.87
N LYS B 162 19.13 -30.04 -6.31
CA LYS B 162 18.76 -31.02 -7.33
C LYS B 162 17.65 -30.52 -8.26
N GLY B 163 16.40 -30.56 -7.79
CA GLY B 163 15.24 -30.07 -8.54
C GLY B 163 14.97 -30.77 -9.86
N GLN B 164 15.78 -30.47 -10.88
CA GLN B 164 15.48 -30.97 -12.21
C GLN B 164 16.69 -31.22 -13.12
N VAL B 165 16.47 -32.04 -14.13
CA VAL B 165 17.46 -32.35 -15.18
C VAL B 165 16.80 -32.27 -16.55
N VAL B 166 17.34 -31.43 -17.43
CA VAL B 166 16.87 -31.37 -18.81
C VAL B 166 17.61 -32.43 -19.62
N LEU B 167 16.88 -33.28 -20.32
CA LEU B 167 17.49 -34.31 -21.15
C LEU B 167 17.41 -33.93 -22.62
N ARG B 168 18.52 -33.38 -23.14
CA ARG B 168 18.62 -33.02 -24.56
C ARG B 168 19.00 -34.22 -25.40
N SER B 169 19.93 -35.04 -24.90
CA SER B 169 20.37 -36.26 -25.57
C SER B 169 20.67 -37.39 -24.57
N GLU B 170 20.83 -38.61 -25.10
CA GLU B 170 21.31 -39.76 -24.34
C GLU B 170 22.39 -39.43 -23.30
N ALA B 171 23.25 -38.45 -23.59
CA ALA B 171 24.35 -38.07 -22.70
C ALA B 171 23.93 -37.35 -21.42
N ASP B 172 22.68 -36.90 -21.35
CA ASP B 172 22.15 -36.31 -20.12
C ASP B 172 21.59 -37.37 -19.14
N VAL B 173 21.34 -38.57 -19.67
CA VAL B 173 20.69 -39.67 -18.94
C VAL B 173 21.32 -39.99 -17.58
N ASP B 174 22.66 -40.00 -17.51
CA ASP B 174 23.36 -40.34 -16.26
C ASP B 174 23.09 -39.36 -15.13
N GLU B 175 23.00 -38.07 -15.47
CA GLU B 175 22.57 -37.05 -14.53
C GLU B 175 21.13 -37.32 -14.05
N ALA B 176 20.26 -37.72 -14.98
CA ALA B 176 18.87 -38.03 -14.66
C ALA B 176 18.74 -39.26 -13.72
N ARG B 177 19.53 -40.29 -13.98
CA ARG B 177 19.53 -41.52 -13.16
C ARG B 177 19.84 -41.21 -11.69
N LYS B 178 20.79 -40.31 -11.47
CA LYS B 178 21.17 -39.83 -10.13
C LYS B 178 20.01 -39.13 -9.44
N LEU B 179 19.35 -38.19 -10.15
CA LEU B 179 18.17 -37.52 -9.58
C LEU B 179 17.05 -38.54 -9.33
N ALA B 180 16.88 -39.49 -10.25
CA ALA B 180 15.82 -40.48 -10.12
C ALA B 180 15.99 -41.35 -8.87
N ASN B 181 17.23 -41.66 -8.52
CA ASN B 181 17.49 -42.40 -7.29
C ASN B 181 17.21 -41.57 -6.04
N ALA B 182 17.61 -40.30 -6.06
CA ALA B 182 17.37 -39.41 -4.91
C ALA B 182 15.89 -39.21 -4.52
N ALA B 183 14.99 -39.10 -5.50
CA ALA B 183 13.59 -38.75 -5.21
C ALA B 183 12.58 -39.24 -6.24
N GLU B 184 11.30 -39.25 -5.86
CA GLU B 184 10.23 -39.50 -6.83
C GLU B 184 10.20 -38.36 -7.85
N CYS B 185 10.09 -38.73 -9.13
CA CYS B 185 10.12 -37.77 -10.21
C CYS B 185 8.98 -37.99 -11.22
N ILE B 186 8.74 -36.99 -12.06
CA ILE B 186 8.06 -37.21 -13.30
C ILE B 186 9.01 -36.85 -14.43
N LEU B 187 8.95 -37.61 -15.50
CA LEU B 187 9.57 -37.17 -16.74
C LEU B 187 8.48 -36.55 -17.65
N GLU B 188 8.78 -35.40 -18.22
CA GLU B 188 7.85 -34.63 -19.06
C GLU B 188 8.47 -34.38 -20.42
N LYS B 189 7.66 -34.45 -21.48
CA LYS B 189 8.10 -33.93 -22.79
C LYS B 189 8.50 -32.46 -22.67
N TRP B 190 9.62 -32.10 -23.31
CA TRP B 190 10.07 -30.72 -23.44
C TRP B 190 9.11 -29.93 -24.33
N VAL B 191 8.63 -28.81 -23.81
CA VAL B 191 7.69 -27.97 -24.56
C VAL B 191 8.48 -26.86 -25.25
N PRO B 192 8.40 -26.82 -26.60
CA PRO B 192 9.05 -25.72 -27.30
C PRO B 192 8.14 -24.49 -27.19
N PHE B 193 8.53 -23.53 -26.37
CA PHE B 193 7.65 -22.37 -26.15
C PHE B 193 8.33 -21.08 -26.55
N GLU B 194 7.53 -20.10 -26.96
CA GLU B 194 8.07 -18.78 -27.26
C GLU B 194 8.21 -17.98 -25.97
N LYS B 195 7.19 -18.07 -25.10
CA LYS B 195 7.18 -17.33 -23.82
C LYS B 195 6.53 -18.09 -22.67
N GLU B 196 7.10 -17.88 -21.49
CA GLU B 196 6.45 -18.24 -20.22
C GLU B 196 5.60 -17.08 -19.70
N VAL B 197 4.37 -17.41 -19.33
CA VAL B 197 3.44 -16.45 -18.76
C VAL B 197 2.70 -17.04 -17.55
N SER B 198 2.14 -16.16 -16.72
CA SER B 198 1.36 -16.60 -15.58
C SER B 198 0.15 -15.71 -15.40
N VAL B 199 -0.89 -16.31 -14.85
CA VAL B 199 -2.10 -15.58 -14.50
C VAL B 199 -2.42 -15.91 -13.03
N ILE B 200 -2.74 -14.86 -12.28
CA ILE B 200 -3.14 -15.02 -10.89
C ILE B 200 -4.65 -14.84 -10.88
N VAL B 201 -5.34 -15.86 -10.40
CA VAL B 201 -6.78 -15.80 -10.26
C VAL B 201 -7.15 -15.84 -8.77
N ILE B 202 -8.21 -15.13 -8.44
CA ILE B 202 -8.70 -15.00 -7.08
C ILE B 202 -10.16 -15.40 -7.01
N ARG B 203 -10.52 -16.20 -6.01
CA ARG B 203 -11.92 -16.53 -5.80
C ARG B 203 -12.25 -16.48 -4.32
N SER B 204 -13.27 -15.70 -3.98
CA SER B 204 -13.69 -15.52 -2.60
C SER B 204 -14.56 -16.68 -2.12
N VAL B 205 -14.79 -16.71 -0.81
CA VAL B 205 -15.64 -17.71 -0.15
C VAL B 205 -17.03 -17.76 -0.78
N SER B 206 -17.54 -16.61 -1.21
CA SER B 206 -18.87 -16.53 -1.80
C SER B 206 -18.89 -16.85 -3.30
N GLY B 207 -17.72 -17.11 -3.89
CA GLY B 207 -17.63 -17.54 -5.28
C GLY B 207 -17.32 -16.46 -6.31
N GLU B 208 -17.14 -15.22 -5.83
CA GLU B 208 -16.79 -14.11 -6.73
C GLU B 208 -15.37 -14.34 -7.27
N THR B 209 -15.18 -14.09 -8.57
CA THR B 209 -13.92 -14.42 -9.24
C THR B 209 -13.32 -13.22 -9.97
N LYS B 210 -12.04 -12.97 -9.73
CA LYS B 210 -11.28 -11.93 -10.43
C LYS B 210 -9.99 -12.53 -10.94
N VAL B 211 -9.60 -12.12 -12.14
CA VAL B 211 -8.30 -12.50 -12.68
C VAL B 211 -7.44 -11.27 -12.94
N PHE B 212 -6.16 -11.37 -12.62
CA PHE B 212 -5.21 -10.34 -12.93
C PHE B 212 -4.70 -10.44 -14.37
N PRO B 213 -4.09 -9.37 -14.89
CA PRO B 213 -3.50 -9.38 -16.23
C PRO B 213 -2.39 -10.43 -16.37
N VAL B 214 -2.23 -10.92 -17.59
CA VAL B 214 -1.24 -11.96 -17.87
C VAL B 214 0.12 -11.31 -17.83
N ALA B 215 1.04 -11.94 -17.11
CA ALA B 215 2.41 -11.48 -17.02
C ALA B 215 3.28 -12.39 -17.82
N GLU B 216 4.27 -11.81 -18.50
CA GLU B 216 5.33 -12.58 -19.12
C GLU B 216 6.51 -12.68 -18.14
N ASN B 217 6.99 -13.90 -17.94
CA ASN B 217 8.02 -14.16 -16.93
C ASN B 217 9.32 -14.64 -17.55
N ILE B 218 10.42 -14.09 -17.06
CA ILE B 218 11.75 -14.46 -17.54
C ILE B 218 12.56 -15.00 -16.38
N HIS B 219 12.92 -16.29 -16.46
CA HIS B 219 13.74 -16.91 -15.44
C HIS B 219 15.22 -16.96 -15.83
N VAL B 220 16.09 -16.91 -14.84
CA VAL B 220 17.51 -17.09 -15.03
C VAL B 220 17.96 -18.01 -13.89
N ASN B 221 18.67 -19.10 -14.23
CA ASN B 221 19.00 -20.17 -13.26
C ASN B 221 17.74 -20.76 -12.59
N ASN B 222 16.66 -20.89 -13.36
CA ASN B 222 15.34 -21.30 -12.83
C ASN B 222 14.81 -20.44 -11.66
N ILE B 223 15.35 -19.23 -11.50
CA ILE B 223 14.78 -18.25 -10.57
C ILE B 223 14.13 -17.14 -11.39
N LEU B 224 12.89 -16.77 -11.03
CA LEU B 224 12.26 -15.61 -11.63
C LEU B 224 13.18 -14.39 -11.55
N HIS B 225 13.37 -13.74 -12.71
CA HIS B 225 14.13 -12.50 -12.78
C HIS B 225 13.22 -11.30 -13.04
N GLU B 226 12.35 -11.41 -14.03
CA GLU B 226 11.49 -10.33 -14.41
C GLU B 226 10.09 -10.82 -14.72
N SER B 227 9.10 -10.02 -14.35
CA SER B 227 7.73 -10.16 -14.80
C SER B 227 7.37 -8.91 -15.60
N ILE B 228 6.81 -9.12 -16.78
CA ILE B 228 6.48 -8.05 -17.73
C ILE B 228 4.96 -7.99 -17.95
N VAL B 229 4.37 -6.82 -17.73
CA VAL B 229 2.92 -6.69 -17.82
C VAL B 229 2.59 -5.35 -18.48
N PRO B 230 1.86 -5.39 -19.60
CA PRO B 230 1.26 -6.56 -20.23
C PRO B 230 2.28 -7.53 -20.80
N ALA B 231 1.95 -8.81 -20.81
CA ALA B 231 2.79 -9.80 -21.48
C ALA B 231 2.81 -9.45 -22.98
N ARG B 232 3.98 -9.54 -23.58
CA ARG B 232 4.14 -9.20 -25.01
C ARG B 232 3.69 -10.38 -25.86
N ILE B 233 2.39 -10.62 -25.83
CA ILE B 233 1.74 -11.74 -26.48
C ILE B 233 0.52 -11.17 -27.17
N THR B 234 -0.05 -11.90 -28.13
CA THR B 234 -1.27 -11.49 -28.83
C THR B 234 -2.45 -11.49 -27.88
N GLU B 235 -3.48 -10.75 -28.27
CA GLU B 235 -4.73 -10.65 -27.53
C GLU B 235 -5.44 -11.97 -27.37
N GLU B 236 -5.43 -12.77 -28.42
CA GLU B 236 -6.06 -14.08 -28.39
C GLU B 236 -5.38 -15.02 -27.36
N LEU B 237 -4.06 -15.03 -27.32
CA LEU B 237 -3.30 -15.76 -26.31
C LEU B 237 -3.64 -15.32 -24.89
N SER B 238 -3.72 -14.00 -24.69
CA SER B 238 -4.10 -13.42 -23.41
C SER B 238 -5.49 -13.90 -22.98
N GLN B 239 -6.43 -13.85 -23.91
CA GLN B 239 -7.79 -14.33 -23.67
C GLN B 239 -7.79 -15.81 -23.26
N LYS B 240 -6.92 -16.59 -23.88
CA LYS B 240 -6.87 -18.03 -23.63
C LYS B 240 -6.32 -18.34 -22.23
N ALA B 241 -5.19 -17.70 -21.89
CA ALA B 241 -4.61 -17.79 -20.55
C ALA B 241 -5.63 -17.48 -19.47
N ILE B 242 -6.37 -16.38 -19.65
CA ILE B 242 -7.40 -15.96 -18.72
C ILE B 242 -8.52 -17.01 -18.61
N ALA B 243 -8.99 -17.47 -19.77
CA ALA B 243 -10.00 -18.53 -19.81
C ALA B 243 -9.52 -19.81 -19.11
N TYR B 244 -8.27 -20.17 -19.32
CA TYR B 244 -7.72 -21.40 -18.72
C TYR B 244 -7.62 -21.31 -17.19
N ALA B 245 -7.23 -20.14 -16.68
CA ALA B 245 -7.14 -19.91 -15.24
C ALA B 245 -8.50 -19.92 -14.55
N LYS B 246 -9.52 -19.40 -15.26
CA LYS B 246 -10.90 -19.40 -14.72
C LYS B 246 -11.44 -20.81 -14.64
N VAL B 247 -11.20 -21.60 -15.67
CA VAL B 247 -11.59 -23.01 -15.67
C VAL B 247 -10.92 -23.73 -14.49
N LEU B 248 -9.62 -23.48 -14.28
CA LEU B 248 -8.88 -24.13 -13.19
C LEU B 248 -9.44 -23.79 -11.82
N ALA B 249 -9.70 -22.51 -11.58
CA ALA B 249 -10.28 -22.03 -10.34
C ALA B 249 -11.66 -22.64 -10.09
N ASP B 250 -12.39 -22.83 -11.19
CA ASP B 250 -13.74 -23.40 -11.17
C ASP B 250 -13.70 -24.87 -10.76
N GLU B 251 -12.92 -25.66 -11.49
CA GLU B 251 -12.83 -27.11 -11.30
C GLU B 251 -12.10 -27.51 -10.01
N LEU B 252 -11.23 -26.65 -9.51
CA LEU B 252 -10.56 -26.92 -8.24
C LEU B 252 -11.33 -26.40 -7.03
N GLU B 253 -12.49 -25.78 -7.26
CA GLU B 253 -13.29 -25.17 -6.19
C GLU B 253 -12.46 -24.19 -5.36
N LEU B 254 -11.76 -23.29 -6.06
CA LEU B 254 -10.79 -22.39 -5.45
C LEU B 254 -11.40 -21.44 -4.45
N VAL B 255 -10.80 -21.36 -3.26
CA VAL B 255 -11.02 -20.25 -2.36
C VAL B 255 -9.64 -19.69 -2.07
N GLY B 256 -9.51 -18.38 -2.22
CA GLY B 256 -8.23 -17.69 -2.07
C GLY B 256 -7.56 -17.40 -3.41
N THR B 257 -6.24 -17.52 -3.44
CA THR B 257 -5.43 -17.14 -4.59
C THR B 257 -4.91 -18.39 -5.31
N LEU B 258 -4.84 -18.31 -6.63
CA LEU B 258 -4.18 -19.35 -7.41
C LEU B 258 -3.29 -18.74 -8.49
N ALA B 259 -1.99 -19.01 -8.41
CA ALA B 259 -1.07 -18.69 -9.49
C ALA B 259 -1.00 -19.84 -10.49
N VAL B 260 -1.20 -19.51 -11.76
CA VAL B 260 -1.12 -20.50 -12.84
C VAL B 260 0.03 -20.13 -13.78
N GLU B 261 1.06 -20.97 -13.82
CA GLU B 261 2.21 -20.75 -14.71
C GLU B 261 2.03 -21.57 -15.99
N MET B 262 2.39 -20.96 -17.13
CA MET B 262 2.00 -21.47 -18.46
C MET B 262 3.08 -21.32 -19.51
N PHE B 263 3.04 -22.20 -20.51
CA PHE B 263 3.94 -22.12 -21.65
C PHE B 263 3.14 -21.69 -22.87
N ALA B 264 3.53 -20.57 -23.46
CA ALA B 264 2.85 -20.08 -24.67
C ALA B 264 3.67 -20.47 -25.90
N THR B 265 3.07 -21.29 -26.77
CA THR B 265 3.77 -21.75 -27.97
C THR B 265 3.53 -20.86 -29.19
N ALA B 266 4.39 -21.05 -30.20
CA ALA B 266 4.30 -20.35 -31.49
C ALA B 266 2.95 -20.55 -32.20
N ASP B 267 2.38 -21.74 -32.07
CA ASP B 267 1.10 -22.02 -32.72
C ASP B 267 -0.10 -21.49 -31.92
N GLY B 268 0.21 -20.69 -30.90
CA GLY B 268 -0.80 -20.07 -30.06
C GLY B 268 -1.45 -20.99 -29.05
N GLU B 269 -0.79 -22.10 -28.71
CA GLU B 269 -1.31 -22.97 -27.66
C GLU B 269 -0.68 -22.73 -26.28
N ILE B 270 -1.41 -23.13 -25.24
CA ILE B 270 -0.96 -22.94 -23.87
C ILE B 270 -0.92 -24.28 -23.16
N TYR B 271 0.23 -24.58 -22.59
CA TYR B 271 0.37 -25.73 -21.69
C TYR B 271 0.48 -25.21 -20.28
N ILE B 272 -0.25 -25.83 -19.35
CA ILE B 272 -0.14 -25.49 -17.94
C ILE B 272 1.08 -26.17 -17.34
N ASN B 273 2.01 -25.38 -16.81
CA ASN B 273 3.22 -25.91 -16.21
C ASN B 273 3.02 -26.28 -14.75
N GLU B 274 2.47 -25.35 -13.97
CA GLU B 274 2.48 -25.42 -12.51
C GLU B 274 1.37 -24.58 -11.89
N LEU B 275 0.82 -25.09 -10.80
CA LEU B 275 -0.16 -24.37 -9.98
C LEU B 275 0.40 -24.04 -8.59
N ALA B 276 0.11 -22.84 -8.09
CA ALA B 276 0.46 -22.47 -6.71
C ALA B 276 -0.75 -21.83 -6.00
N PRO B 277 -1.23 -22.48 -4.92
CA PRO B 277 -2.40 -22.03 -4.18
C PRO B 277 -2.05 -20.96 -3.15
N ARG B 278 -1.50 -19.85 -3.64
CA ARG B 278 -1.01 -18.76 -2.80
C ARG B 278 -0.57 -17.61 -3.71
N PRO B 279 -0.42 -16.40 -3.13
CA PRO B 279 0.26 -15.35 -3.89
C PRO B 279 1.62 -15.84 -4.37
N HIS B 280 2.08 -15.29 -5.48
CA HIS B 280 3.21 -15.82 -6.22
C HIS B 280 4.13 -14.69 -6.64
N ASN B 281 5.42 -15.00 -6.78
CA ASN B 281 6.43 -14.02 -7.15
C ASN B 281 6.07 -13.27 -8.45
N SER B 282 5.41 -13.97 -9.39
CA SER B 282 5.05 -13.35 -10.69
C SER B 282 3.84 -12.42 -10.56
N GLY B 283 3.29 -12.33 -9.36
CA GLY B 283 2.23 -11.39 -9.03
C GLY B 283 2.63 -10.14 -8.26
N HIS B 284 3.90 -10.01 -7.88
CA HIS B 284 4.32 -8.83 -7.10
C HIS B 284 4.12 -7.50 -7.82
N TYR B 285 4.07 -7.55 -9.16
CA TYR B 285 3.82 -6.34 -9.97
C TYR B 285 2.54 -5.65 -9.55
N THR B 286 1.54 -6.44 -9.11
CA THR B 286 0.23 -5.93 -8.75
C THR B 286 0.24 -4.91 -7.59
N GLN B 287 1.30 -4.90 -6.78
CA GLN B 287 1.33 -3.96 -5.64
C GLN B 287 1.34 -2.52 -6.12
N ASP B 288 2.01 -2.28 -7.24
CA ASP B 288 2.19 -0.93 -7.76
C ASP B 288 1.42 -0.64 -9.06
N ALA B 289 1.04 -1.66 -9.82
CA ALA B 289 0.44 -1.42 -11.13
C ALA B 289 -1.05 -1.75 -11.26
N CYS B 290 -1.62 -2.40 -10.26
CA CYS B 290 -3.03 -2.74 -10.32
C CYS B 290 -3.82 -1.97 -9.29
N GLU B 291 -5.13 -1.91 -9.52
CA GLU B 291 -6.05 -1.28 -8.59
C GLU B 291 -5.99 -1.97 -7.23
N THR B 292 -5.87 -3.30 -7.24
CA THR B 292 -5.76 -4.12 -6.04
C THR B 292 -4.55 -5.05 -6.17
N SER B 293 -3.77 -5.21 -5.10
CA SER B 293 -2.65 -6.15 -5.13
C SER B 293 -3.16 -7.59 -4.94
N GLN B 294 -2.37 -8.58 -5.38
CA GLN B 294 -2.70 -9.98 -5.09
C GLN B 294 -2.85 -10.19 -3.58
N PHE B 295 -2.13 -9.39 -2.78
CA PHE B 295 -2.20 -9.51 -1.31
C PHE B 295 -3.50 -8.97 -0.72
N GLY B 296 -3.94 -7.79 -1.16
CA GLY B 296 -5.27 -7.30 -0.78
C GLY B 296 -6.41 -8.21 -1.26
N GLN B 297 -6.29 -8.71 -2.49
CA GLN B 297 -7.27 -9.66 -3.03
C GLN B 297 -7.33 -10.95 -2.20
N HIS B 298 -6.17 -11.48 -1.85
CA HIS B 298 -6.10 -12.69 -1.00
C HIS B 298 -6.84 -12.53 0.32
N ILE B 299 -6.54 -11.44 1.03
CA ILE B 299 -7.24 -11.12 2.28
C ILE B 299 -8.75 -10.99 2.03
N ARG B 300 -9.12 -10.24 0.99
CA ARG B 300 -10.54 -10.06 0.68
C ARG B 300 -11.21 -11.42 0.41
N ALA B 301 -10.51 -12.29 -0.32
CA ALA B 301 -11.06 -13.59 -0.72
C ALA B 301 -11.43 -14.46 0.50
N ILE B 302 -10.45 -14.68 1.37
CA ILE B 302 -10.63 -15.50 2.57
C ILE B 302 -11.55 -14.89 3.64
N CYS B 303 -11.63 -13.55 3.71
CA CYS B 303 -12.52 -12.88 4.68
C CYS B 303 -13.91 -12.68 4.12
N ASN B 304 -14.03 -12.93 2.82
CA ASN B 304 -15.29 -12.85 2.09
C ASN B 304 -15.82 -11.42 1.90
N LEU B 305 -14.91 -10.47 1.70
CA LEU B 305 -15.30 -9.12 1.32
C LEU B 305 -15.48 -9.10 -0.21
N PRO B 306 -16.18 -8.08 -0.74
CA PRO B 306 -16.14 -7.99 -2.19
C PRO B 306 -14.70 -7.86 -2.67
N LEU B 307 -14.38 -8.44 -3.83
CA LEU B 307 -13.03 -8.35 -4.34
C LEU B 307 -12.79 -6.97 -4.95
N GLY B 308 -11.53 -6.54 -4.97
CA GLY B 308 -11.17 -5.31 -5.64
C GLY B 308 -11.04 -5.55 -7.14
N GLU B 309 -10.86 -4.48 -7.90
CA GLU B 309 -10.69 -4.57 -9.36
C GLU B 309 -9.24 -4.90 -9.66
N THR B 310 -9.02 -5.50 -10.82
CA THR B 310 -7.70 -5.97 -11.18
C THR B 310 -7.16 -5.29 -12.42
N ASN B 311 -7.72 -4.14 -12.79
CA ASN B 311 -7.22 -3.38 -13.95
C ASN B 311 -5.75 -3.04 -13.84
N LEU B 312 -5.04 -3.19 -14.95
CA LEU B 312 -3.70 -2.70 -15.01
C LEU B 312 -3.78 -1.18 -15.19
N LEU B 313 -3.22 -0.45 -14.25
CA LEU B 313 -3.31 1.00 -14.26
C LEU B 313 -2.16 1.66 -14.98
N LYS B 314 -1.06 0.92 -15.12
CA LYS B 314 0.14 1.38 -15.80
C LYS B 314 0.99 0.15 -16.08
N PRO B 315 1.70 0.11 -17.24
CA PRO B 315 2.61 -0.99 -17.57
C PRO B 315 3.81 -1.07 -16.62
N VAL B 316 4.32 -2.28 -16.42
CA VAL B 316 5.26 -2.51 -15.33
C VAL B 316 6.20 -3.67 -15.60
N VAL B 317 7.45 -3.50 -15.15
CA VAL B 317 8.38 -4.61 -15.07
C VAL B 317 8.81 -4.77 -13.62
N MET B 318 8.46 -5.92 -13.04
CA MET B 318 8.98 -6.33 -11.74
C MET B 318 10.32 -7.02 -11.92
N VAL B 319 11.31 -6.56 -11.15
CA VAL B 319 12.61 -7.22 -11.13
C VAL B 319 12.92 -7.75 -9.74
N ASN B 320 13.31 -9.03 -9.66
CA ASN B 320 13.68 -9.62 -8.40
C ASN B 320 15.01 -9.09 -7.88
N ILE B 321 15.08 -8.95 -6.55
CA ILE B 321 16.32 -8.61 -5.87
C ILE B 321 16.74 -9.81 -5.02
N LEU B 322 17.78 -10.48 -5.48
CA LEU B 322 18.34 -11.62 -4.77
C LEU B 322 19.45 -11.14 -3.87
N GLY B 323 19.94 -12.04 -3.01
CA GLY B 323 21.07 -11.75 -2.14
C GLY B 323 22.21 -11.11 -2.89
N GLU B 324 22.49 -11.61 -4.09
CA GLU B 324 23.57 -11.13 -4.95
C GLU B 324 23.37 -9.68 -5.40
N HIS B 325 22.14 -9.18 -5.30
CA HIS B 325 21.79 -7.85 -5.82
C HIS B 325 21.66 -6.77 -4.76
N ILE B 326 21.41 -7.16 -3.52
CA ILE B 326 21.06 -6.23 -2.45
C ILE B 326 22.07 -5.08 -2.26
N GLU B 327 23.36 -5.42 -2.31
CA GLU B 327 24.43 -4.46 -2.16
C GLU B 327 24.33 -3.41 -3.28
N GLY B 328 24.12 -3.87 -4.51
CA GLY B 328 23.96 -3.00 -5.67
C GLY B 328 22.77 -2.06 -5.57
N VAL B 329 21.63 -2.59 -5.09
CA VAL B 329 20.42 -1.78 -4.90
C VAL B 329 20.67 -0.61 -3.92
N LEU B 330 21.21 -0.92 -2.75
CA LEU B 330 21.45 0.08 -1.71
C LEU B 330 22.42 1.15 -2.16
N ARG B 331 23.41 0.73 -2.95
CA ARG B 331 24.42 1.60 -3.53
C ARG B 331 23.82 2.42 -4.67
N GLN B 332 22.82 1.87 -5.35
CA GLN B 332 22.20 2.58 -6.45
C GLN B 332 20.83 3.22 -6.15
N VAL B 333 20.46 3.36 -4.86
CA VAL B 333 19.13 3.90 -4.49
C VAL B 333 18.83 5.24 -5.16
N ASN B 334 19.85 6.08 -5.33
CA ASN B 334 19.66 7.41 -5.91
C ASN B 334 19.27 7.42 -7.39
N ARG B 335 19.33 6.26 -8.03
CA ARG B 335 19.00 6.15 -9.45
C ARG B 335 17.64 5.51 -9.71
N LEU B 336 16.90 5.21 -8.65
CA LEU B 336 15.62 4.51 -8.79
C LEU B 336 14.39 5.40 -9.08
N THR B 337 14.56 6.44 -9.90
CA THR B 337 13.41 7.17 -10.45
C THR B 337 12.51 6.19 -11.18
N GLY B 338 11.20 6.37 -11.02
CA GLY B 338 10.21 5.51 -11.66
C GLY B 338 10.18 4.06 -11.16
N CYS B 339 10.89 3.81 -10.06
CA CYS B 339 10.99 2.47 -9.51
C CYS B 339 10.38 2.41 -8.12
N TYR B 340 9.70 1.30 -7.81
CA TYR B 340 9.03 1.14 -6.53
C TYR B 340 9.60 -0.07 -5.81
N LEU B 341 10.44 0.21 -4.81
CA LEU B 341 11.26 -0.78 -4.15
C LEU B 341 10.53 -1.41 -2.98
N HIS B 342 10.60 -2.73 -2.90
CA HIS B 342 10.03 -3.51 -1.81
C HIS B 342 11.11 -4.42 -1.27
N LEU B 343 11.43 -4.27 0.02
CA LEU B 343 12.43 -5.10 0.72
C LEU B 343 11.79 -5.76 1.93
N TYR B 344 12.10 -7.05 2.11
CA TYR B 344 11.34 -7.93 2.98
C TYR B 344 11.82 -8.02 4.43
N GLY B 345 12.92 -7.36 4.78
CA GLY B 345 13.44 -7.39 6.15
C GLY B 345 14.15 -8.68 6.54
N LYS B 346 14.65 -9.41 5.55
CA LYS B 346 15.43 -10.61 5.81
C LYS B 346 16.82 -10.21 6.24
N GLU B 347 17.34 -10.88 7.26
CA GLU B 347 18.65 -10.52 7.80
C GLU B 347 19.81 -11.04 6.94
N GLU B 348 19.84 -12.34 6.70
CA GLU B 348 20.94 -12.97 5.98
C GLU B 348 20.73 -13.00 4.46
N ALA B 349 21.58 -12.29 3.74
CA ALA B 349 21.62 -12.43 2.30
C ALA B 349 22.36 -13.73 2.00
N LYS B 350 21.74 -14.59 1.20
CA LYS B 350 22.43 -15.68 0.52
C LYS B 350 22.29 -15.42 -0.97
N ALA B 351 23.23 -15.89 -1.78
CA ALA B 351 23.31 -15.46 -3.19
C ALA B 351 21.98 -15.39 -3.94
N GLN B 352 21.21 -16.46 -3.85
CA GLN B 352 20.01 -16.63 -4.65
C GLN B 352 18.72 -16.54 -3.82
N ARG B 353 18.87 -16.10 -2.57
CA ARG B 353 17.73 -15.79 -1.69
C ARG B 353 16.98 -14.53 -2.17
N LYS B 354 15.66 -14.61 -2.18
CA LYS B 354 14.83 -13.47 -2.56
C LYS B 354 14.73 -12.50 -1.39
N MET B 355 15.35 -11.34 -1.58
CA MET B 355 15.47 -10.29 -0.56
C MET B 355 14.43 -9.19 -0.74
N GLY B 356 13.96 -9.02 -1.98
CA GLY B 356 13.04 -7.95 -2.32
C GLY B 356 12.71 -7.92 -3.80
N HIS B 357 12.02 -6.88 -4.24
CA HIS B 357 11.71 -6.70 -5.66
C HIS B 357 11.50 -5.24 -5.93
N VAL B 358 11.65 -4.88 -7.19
CA VAL B 358 11.44 -3.51 -7.61
C VAL B 358 10.45 -3.52 -8.78
N ASN B 359 9.36 -2.78 -8.63
CA ASN B 359 8.44 -2.57 -9.74
C ASN B 359 8.78 -1.29 -10.48
N ILE B 360 9.08 -1.46 -11.76
CA ILE B 360 9.46 -0.32 -12.60
C ILE B 360 8.24 0.02 -13.42
N LEU B 361 7.64 1.17 -13.15
CA LEU B 361 6.43 1.59 -13.83
C LEU B 361 6.79 2.61 -14.90
N ASN B 362 6.25 2.41 -16.11
CA ASN B 362 6.51 3.30 -17.22
C ASN B 362 5.44 3.10 -18.24
N ASP B 363 5.05 4.17 -18.92
CA ASP B 363 4.07 4.10 -20.02
C ASP B 363 4.58 3.15 -21.11
N ASN B 364 5.88 3.04 -21.26
CA ASN B 364 6.49 2.18 -22.27
C ASN B 364 7.24 0.99 -21.68
N ILE B 365 6.75 -0.20 -21.99
CA ILE B 365 7.35 -1.43 -21.47
C ILE B 365 8.85 -1.55 -21.78
N GLU B 366 9.27 -1.10 -22.98
CA GLU B 366 10.69 -1.17 -23.37
C GLU B 366 11.57 -0.17 -22.61
N VAL B 367 11.00 0.97 -22.25
CA VAL B 367 11.72 1.95 -21.43
C VAL B 367 11.92 1.42 -19.99
N ALA B 368 10.92 0.72 -19.44
CA ALA B 368 11.03 0.02 -18.16
C ALA B 368 12.15 -1.01 -18.20
N LEU B 369 12.14 -1.84 -19.26
CA LEU B 369 13.12 -2.89 -19.47
C LEU B 369 14.52 -2.31 -19.58
N GLU B 370 14.64 -1.20 -20.31
CA GLU B 370 15.92 -0.53 -20.48
C GLU B 370 16.42 0.06 -19.16
N LYS B 371 15.49 0.57 -18.34
CA LYS B 371 15.90 1.10 -17.04
C LYS B 371 16.58 0.02 -16.20
N ALA B 372 16.00 -1.17 -16.19
CA ALA B 372 16.56 -2.34 -15.49
C ALA B 372 18.01 -2.64 -15.90
N LYS B 373 18.28 -2.62 -17.21
CA LYS B 373 19.64 -2.79 -17.77
C LYS B 373 20.58 -1.63 -17.42
N SER B 374 20.11 -0.39 -17.58
CA SER B 374 20.94 0.80 -17.30
C SER B 374 21.42 0.91 -15.83
N LEU B 375 20.62 0.42 -14.88
CA LEU B 375 21.02 0.35 -13.48
C LEU B 375 22.23 -0.56 -13.25
N HIS B 376 22.41 -1.53 -14.15
CA HIS B 376 23.53 -2.49 -14.11
C HIS B 376 23.57 -3.44 -12.90
N ILE B 377 22.57 -3.36 -12.03
CA ILE B 377 22.48 -4.21 -10.84
C ILE B 377 22.39 -5.70 -11.20
N TRP B 378 21.64 -6.00 -12.26
CA TRP B 378 21.39 -7.38 -12.70
C TRP B 378 22.25 -7.80 -13.92
N ASP B 379 23.52 -7.38 -13.93
CA ASP B 379 24.47 -7.73 -14.99
C ASP B 379 24.65 -9.24 -15.14
N HIS B 380 24.78 -9.93 -14.00
CA HIS B 380 24.79 -11.39 -13.93
C HIS B 380 23.66 -11.97 -14.80
N GLN B 381 22.42 -11.65 -14.46
CA GLN B 381 21.22 -12.12 -15.17
C GLN B 381 21.15 -11.79 -16.68
N GLU B 382 21.47 -10.54 -17.06
CA GLU B 382 21.48 -10.15 -18.48
C GLU B 382 22.70 -10.82 -19.13
N GLN B 383 22.46 -11.97 -19.75
CA GLN B 383 23.47 -13.02 -19.87
C GLN B 383 24.86 -12.60 -20.27
#